data_1R17
#
_entry.id   1R17
#
_cell.length_a   89.018
_cell.length_b   89.483
_cell.length_c   98.044
_cell.angle_alpha   90.00
_cell.angle_beta   90.00
_cell.angle_gamma   90.00
#
_symmetry.space_group_name_H-M   'P 21 21 21'
#
loop_
_entity.id
_entity.type
_entity.pdbx_description
1 polymer 'fibrinogen-binding protein SdrG'
2 polymer 'fibrinopeptide B'
3 non-polymer 'CALCIUM ION'
4 water water
#
loop_
_entity_poly.entity_id
_entity_poly.type
_entity_poly.pdbx_seq_one_letter_code
_entity_poly.pdbx_strand_id
1 'polypeptide(L)'
;MGRSHHHHHHGSLVPRGSEQGSNVNHLIKVTDQSITEGYDDSDGIIKAHDAENLIYDVTFEVDDKVKSGDTMTVNIDKNT
VPSDLTDSFAIPKIKDNSGEIIATGTYDNTNKQITYTFTDYVDKYENIKAHLKLTSYIDKSKVPNNNTKLDVEYKTALSS
VNKTITVEYQKPNENRTANLQSMFTNIDTKNHTVEQTIYINPLRYSAKETNVNISGNGDEGSTIIDDSTIIKVYKVGDNQ
NLPDSNRIYDYSEYEDVTNDDYAQLGNNNDVNINFGNIDSPYIIKVISKYDPNKDDYTTIQQTVTMQTTINEYTGEFRTA
SYDNTIAFSTSSGQGQGDLPPEK
;
A,B
2 'polypeptide(L)' NEEGFFFSARGHRPLD C,D
#
# COMPACT_ATOMS: atom_id res chain seq x y z
N GLY A 21 2.36 1.75 -29.76
CA GLY A 21 1.84 2.52 -28.59
C GLY A 21 2.11 4.01 -28.73
N SER A 22 1.05 4.82 -28.60
CA SER A 22 1.19 6.26 -28.71
C SER A 22 0.39 7.00 -27.65
N ASN A 23 0.54 8.32 -27.63
CA ASN A 23 -0.14 9.18 -26.68
C ASN A 23 -1.65 9.17 -26.86
N VAL A 24 -2.37 8.87 -25.78
CA VAL A 24 -3.83 8.86 -25.82
C VAL A 24 -4.44 9.84 -24.81
N ASN A 25 -3.70 10.89 -24.46
CA ASN A 25 -4.21 11.90 -23.53
C ASN A 25 -5.59 12.39 -23.97
N HIS A 26 -5.78 12.55 -25.28
CA HIS A 26 -7.04 13.03 -25.82
C HIS A 26 -8.18 12.02 -25.66
N LEU A 27 -7.82 10.79 -25.32
CA LEU A 27 -8.82 9.73 -25.12
C LEU A 27 -9.09 9.47 -23.64
N ILE A 28 -8.52 10.33 -22.80
CA ILE A 28 -8.70 10.22 -21.36
C ILE A 28 -9.67 11.32 -20.93
N LYS A 29 -10.78 10.93 -20.32
CA LYS A 29 -11.76 11.91 -19.87
C LYS A 29 -11.69 12.08 -18.35
N VAL A 30 -11.15 13.21 -17.90
CA VAL A 30 -11.03 13.48 -16.48
C VAL A 30 -12.39 13.95 -15.94
N THR A 31 -12.91 13.23 -14.95
CA THR A 31 -14.21 13.54 -14.39
C THR A 31 -14.18 14.27 -13.04
N ASP A 32 -13.05 14.19 -12.35
CA ASP A 32 -12.91 14.86 -11.06
C ASP A 32 -11.43 15.05 -10.68
N GLN A 33 -11.12 16.19 -10.09
CA GLN A 33 -9.77 16.52 -9.66
C GLN A 33 -9.80 17.36 -8.41
N SER A 34 -8.78 17.21 -7.57
CA SER A 34 -8.69 18.02 -6.37
C SER A 34 -7.26 18.04 -5.85
N ILE A 35 -6.91 19.14 -5.19
CA ILE A 35 -5.59 19.29 -4.59
C ILE A 35 -5.93 19.52 -3.12
N THR A 36 -5.46 18.62 -2.26
CA THR A 36 -5.75 18.70 -0.83
C THR A 36 -4.50 18.81 0.02
N GLU A 37 -4.56 19.64 1.05
CA GLU A 37 -3.45 19.81 1.96
C GLU A 37 -3.44 18.63 2.93
N GLY A 38 -2.25 18.11 3.24
CA GLY A 38 -2.12 16.96 4.12
C GLY A 38 -2.70 17.11 5.52
N TYR A 39 -2.64 18.32 6.07
CA TYR A 39 -3.17 18.57 7.41
C TYR A 39 -4.45 19.39 7.30
N ASP A 40 -5.23 19.42 8.37
CA ASP A 40 -6.50 20.15 8.35
C ASP A 40 -6.54 21.41 9.22
N ASP A 41 -5.46 21.70 9.93
CA ASP A 41 -5.44 22.87 10.81
C ASP A 41 -4.63 24.07 10.31
N SER A 42 -4.38 24.13 9.00
CA SER A 42 -3.62 25.25 8.43
C SER A 42 -4.02 25.48 6.97
N ASP A 43 -5.32 25.55 6.72
CA ASP A 43 -5.84 25.76 5.37
C ASP A 43 -5.19 26.94 4.66
N GLY A 44 -4.85 26.74 3.38
CA GLY A 44 -4.23 27.80 2.60
C GLY A 44 -2.73 27.91 2.78
N ILE A 45 -2.21 27.20 3.79
CA ILE A 45 -0.78 27.22 4.09
C ILE A 45 -0.17 25.83 4.11
N ILE A 46 0.95 25.65 3.43
CA ILE A 46 1.62 24.36 3.44
C ILE A 46 2.80 24.48 4.39
N LYS A 47 2.71 23.78 5.51
CA LYS A 47 3.77 23.79 6.51
C LYS A 47 4.80 22.78 6.08
N ALA A 48 5.62 23.15 5.11
CA ALA A 48 6.65 22.27 4.57
C ALA A 48 7.55 21.69 5.64
N HIS A 49 7.86 22.49 6.67
CA HIS A 49 8.74 22.00 7.72
C HIS A 49 8.05 21.16 8.79
N ASP A 50 6.76 20.91 8.59
CA ASP A 50 5.98 20.04 9.48
C ASP A 50 5.66 18.82 8.61
N ALA A 51 6.33 18.75 7.46
CA ALA A 51 6.16 17.66 6.49
C ALA A 51 4.76 17.59 5.88
N GLU A 52 4.07 18.73 5.79
CA GLU A 52 2.73 18.72 5.20
C GLU A 52 2.82 18.50 3.70
N ASN A 53 2.11 17.49 3.21
CA ASN A 53 2.12 17.17 1.78
C ASN A 53 0.94 17.76 1.00
N LEU A 54 1.05 17.72 -0.32
CA LEU A 54 -0.01 18.19 -1.22
C LEU A 54 -0.53 16.93 -1.90
N ILE A 55 -1.82 16.65 -1.73
CA ILE A 55 -2.39 15.44 -2.31
C ILE A 55 -3.23 15.73 -3.54
N TYR A 56 -2.86 15.12 -4.65
CA TYR A 56 -3.58 15.29 -5.90
C TYR A 56 -4.45 14.07 -6.18
N ASP A 57 -5.76 14.27 -6.18
CA ASP A 57 -6.71 13.20 -6.46
C ASP A 57 -7.36 13.45 -7.82
N VAL A 58 -7.41 12.41 -8.64
CA VAL A 58 -8.02 12.54 -9.95
C VAL A 58 -8.68 11.24 -10.36
N THR A 59 -9.86 11.39 -10.99
CA THR A 59 -10.62 10.26 -11.48
C THR A 59 -10.80 10.49 -12.97
N PHE A 60 -10.59 9.44 -13.77
CA PHE A 60 -10.74 9.59 -15.21
C PHE A 60 -11.25 8.35 -15.91
N GLU A 61 -11.79 8.56 -17.10
CA GLU A 61 -12.30 7.49 -17.94
C GLU A 61 -11.32 7.24 -19.09
N VAL A 62 -11.08 5.97 -19.41
CA VAL A 62 -10.18 5.59 -20.49
C VAL A 62 -11.03 5.10 -21.66
N ASP A 63 -10.93 5.78 -22.81
CA ASP A 63 -11.73 5.39 -23.98
C ASP A 63 -11.43 3.94 -24.38
N ASP A 64 -12.45 3.24 -24.87
CA ASP A 64 -12.25 1.85 -25.29
C ASP A 64 -11.23 1.72 -26.42
N LYS A 65 -11.02 2.81 -27.16
CA LYS A 65 -10.08 2.81 -28.29
C LYS A 65 -8.63 2.65 -27.82
N VAL A 66 -8.37 2.98 -26.57
CA VAL A 66 -7.03 2.86 -26.01
C VAL A 66 -6.58 1.40 -26.04
N LYS A 67 -5.35 1.17 -26.50
CA LYS A 67 -4.80 -0.18 -26.60
C LYS A 67 -3.51 -0.34 -25.80
N SER A 68 -3.07 -1.58 -25.65
CA SER A 68 -1.85 -1.88 -24.91
C SER A 68 -0.68 -1.10 -25.48
N GLY A 69 0.13 -0.52 -24.60
CA GLY A 69 1.28 0.24 -25.05
C GLY A 69 1.01 1.72 -25.16
N ASP A 70 -0.27 2.11 -25.25
CA ASP A 70 -0.60 3.52 -25.34
C ASP A 70 -0.19 4.18 -24.02
N THR A 71 0.04 5.49 -24.06
CA THR A 71 0.46 6.19 -22.87
C THR A 71 -0.36 7.45 -22.59
N MET A 72 -0.32 7.88 -21.33
CA MET A 72 -1.00 9.08 -20.90
C MET A 72 -0.07 9.74 -19.89
N THR A 73 -0.25 11.02 -19.63
CA THR A 73 0.62 11.69 -18.67
C THR A 73 -0.13 12.30 -17.51
N VAL A 74 0.63 12.57 -16.44
CA VAL A 74 0.12 13.18 -15.23
C VAL A 74 1.24 14.13 -14.80
N ASN A 75 0.87 15.36 -14.42
CA ASN A 75 1.87 16.35 -14.00
C ASN A 75 1.63 16.88 -12.59
N ILE A 76 2.72 17.04 -11.83
CA ILE A 76 2.59 17.62 -10.50
C ILE A 76 3.10 19.05 -10.71
N ASP A 77 2.78 19.95 -9.78
CA ASP A 77 3.22 21.33 -9.93
C ASP A 77 4.74 21.42 -10.01
N LYS A 78 5.25 22.32 -10.84
CA LYS A 78 6.69 22.43 -11.00
C LYS A 78 7.43 22.93 -9.75
N ASN A 79 6.70 23.36 -8.73
CA ASN A 79 7.32 23.81 -7.48
C ASN A 79 7.22 22.67 -6.45
N THR A 80 6.86 21.47 -6.90
CA THR A 80 6.74 20.32 -6.00
C THR A 80 7.51 19.12 -6.54
N VAL A 81 7.67 18.11 -5.69
CA VAL A 81 8.36 16.87 -6.04
C VAL A 81 7.60 15.71 -5.39
N PRO A 82 7.72 14.50 -5.94
CA PRO A 82 7.02 13.37 -5.34
C PRO A 82 7.55 13.11 -3.93
N SER A 83 8.87 13.16 -3.81
CA SER A 83 9.53 12.94 -2.53
C SER A 83 10.56 14.03 -2.24
N ASP A 84 10.45 14.63 -1.06
CA ASP A 84 11.34 15.70 -0.62
C ASP A 84 12.75 15.21 -0.34
N LEU A 85 12.89 14.13 0.44
CA LEU A 85 14.20 13.61 0.82
C LEU A 85 14.84 12.57 -0.09
N THR A 86 14.10 12.07 -1.07
CA THR A 86 14.67 11.06 -1.96
C THR A 86 14.37 11.36 -3.42
N ASP A 87 15.20 10.82 -4.31
CA ASP A 87 15.03 11.02 -5.73
C ASP A 87 14.65 9.69 -6.38
N SER A 88 14.68 8.64 -5.58
CA SER A 88 14.34 7.31 -6.06
C SER A 88 13.08 6.84 -5.35
N PHE A 89 12.06 6.49 -6.15
CA PHE A 89 10.79 6.04 -5.62
C PHE A 89 9.96 5.39 -6.72
N ALA A 90 9.00 4.56 -6.32
CA ALA A 90 8.16 3.87 -7.27
C ALA A 90 6.81 4.56 -7.44
N ILE A 91 6.42 4.77 -8.70
CA ILE A 91 5.15 5.39 -9.00
C ILE A 91 4.13 4.24 -8.90
N PRO A 92 3.03 4.46 -8.19
CA PRO A 92 2.01 3.42 -8.04
C PRO A 92 1.44 2.84 -9.31
N LYS A 93 1.30 1.51 -9.35
CA LYS A 93 0.71 0.85 -10.49
C LYS A 93 -0.79 1.07 -10.35
N ILE A 94 -1.51 1.10 -11.47
CA ILE A 94 -2.96 1.24 -11.39
C ILE A 94 -3.48 -0.19 -11.51
N LYS A 95 -4.07 -0.70 -10.45
CA LYS A 95 -4.58 -2.07 -10.46
C LYS A 95 -6.08 -2.07 -10.22
N ASP A 96 -6.78 -3.06 -10.75
CA ASP A 96 -8.21 -3.13 -10.51
C ASP A 96 -8.47 -3.93 -9.25
N ASN A 97 -9.74 -4.12 -8.90
CA ASN A 97 -10.06 -4.83 -7.67
C ASN A 97 -9.78 -6.33 -7.63
N SER A 98 -9.28 -6.90 -8.73
CA SER A 98 -8.93 -8.32 -8.74
C SER A 98 -7.41 -8.39 -8.64
N GLY A 99 -6.76 -7.22 -8.71
CA GLY A 99 -5.32 -7.17 -8.62
C GLY A 99 -4.61 -6.96 -9.95
N GLU A 100 -5.35 -7.10 -11.05
CA GLU A 100 -4.79 -6.94 -12.38
C GLU A 100 -4.20 -5.56 -12.62
N ILE A 101 -3.02 -5.52 -13.22
CA ILE A 101 -2.35 -4.26 -13.51
C ILE A 101 -2.87 -3.64 -14.80
N ILE A 102 -3.43 -2.44 -14.67
CA ILE A 102 -3.99 -1.71 -15.82
C ILE A 102 -2.91 -0.86 -16.48
N ALA A 103 -2.03 -0.28 -15.67
CA ALA A 103 -0.96 0.56 -16.19
C ALA A 103 0.17 0.72 -15.19
N THR A 104 1.37 0.98 -15.70
CA THR A 104 2.55 1.18 -14.88
C THR A 104 3.09 2.56 -15.22
N GLY A 105 3.66 3.25 -14.23
CA GLY A 105 4.16 4.58 -14.50
C GLY A 105 5.63 4.83 -14.20
N THR A 106 6.16 5.87 -14.83
CA THR A 106 7.55 6.29 -14.63
C THR A 106 7.52 7.79 -14.39
N TYR A 107 8.51 8.29 -13.65
CA TYR A 107 8.58 9.71 -13.35
C TYR A 107 9.81 10.40 -13.95
N ASP A 108 9.59 11.58 -14.51
CA ASP A 108 10.63 12.40 -15.14
C ASP A 108 10.84 13.65 -14.28
N ASN A 109 11.99 13.74 -13.63
CA ASN A 109 12.29 14.87 -12.77
C ASN A 109 12.49 16.21 -13.50
N THR A 110 12.87 16.16 -14.77
CA THR A 110 13.11 17.39 -15.51
C THR A 110 11.84 18.19 -15.75
N ASN A 111 10.71 17.51 -15.94
CA ASN A 111 9.46 18.20 -16.18
C ASN A 111 8.36 17.82 -15.19
N LYS A 112 8.75 17.21 -14.07
CA LYS A 112 7.81 16.80 -13.03
C LYS A 112 6.61 16.09 -13.65
N GLN A 113 6.90 15.18 -14.57
CA GLN A 113 5.85 14.46 -15.27
C GLN A 113 5.90 12.95 -15.14
N ILE A 114 4.73 12.36 -14.92
CA ILE A 114 4.60 10.92 -14.81
C ILE A 114 3.98 10.43 -16.11
N THR A 115 4.49 9.33 -16.64
CA THR A 115 3.93 8.76 -17.85
C THR A 115 3.43 7.35 -17.52
N TYR A 116 2.15 7.10 -17.76
CA TYR A 116 1.59 5.78 -17.52
C TYR A 116 1.47 5.04 -18.84
N THR A 117 1.86 3.77 -18.84
CA THR A 117 1.78 2.94 -20.03
C THR A 117 0.76 1.84 -19.76
N PHE A 118 -0.26 1.76 -20.60
CA PHE A 118 -1.29 0.75 -20.43
C PHE A 118 -0.81 -0.62 -20.83
N THR A 119 -1.30 -1.63 -20.11
CA THR A 119 -0.96 -3.03 -20.34
C THR A 119 -2.01 -3.69 -21.24
N ASP A 120 -1.86 -5.00 -21.44
CA ASP A 120 -2.81 -5.76 -22.25
C ASP A 120 -4.23 -5.69 -21.66
N TYR A 121 -4.33 -5.16 -20.45
CA TYR A 121 -5.62 -5.02 -19.77
C TYR A 121 -6.63 -4.22 -20.59
N VAL A 122 -6.15 -3.16 -21.23
CA VAL A 122 -7.05 -2.31 -22.01
C VAL A 122 -7.57 -2.96 -23.28
N ASP A 123 -6.99 -4.10 -23.65
CA ASP A 123 -7.43 -4.82 -24.84
C ASP A 123 -8.35 -5.96 -24.43
N LYS A 124 -8.58 -6.11 -23.13
CA LYS A 124 -9.45 -7.17 -22.63
C LYS A 124 -10.72 -6.62 -22.01
N TYR A 125 -10.59 -5.52 -21.27
CA TYR A 125 -11.74 -4.91 -20.61
C TYR A 125 -12.17 -3.61 -21.28
N GLU A 126 -13.41 -3.19 -21.00
CA GLU A 126 -13.96 -1.95 -21.53
C GLU A 126 -14.51 -1.08 -20.41
N ASN A 127 -14.97 0.12 -20.74
CA ASN A 127 -15.52 1.04 -19.74
C ASN A 127 -14.58 1.19 -18.56
N ILE A 128 -13.29 1.27 -18.87
CA ILE A 128 -12.25 1.40 -17.85
C ILE A 128 -12.21 2.81 -17.26
N LYS A 129 -12.11 2.87 -15.94
CA LYS A 129 -12.01 4.13 -15.22
C LYS A 129 -10.93 3.92 -14.18
N ALA A 130 -10.34 5.01 -13.70
CA ALA A 130 -9.28 4.89 -12.71
C ALA A 130 -9.22 6.11 -11.82
N HIS A 131 -8.62 5.94 -10.66
CA HIS A 131 -8.46 7.04 -9.74
C HIS A 131 -7.07 7.00 -9.15
N LEU A 132 -6.43 8.16 -9.12
CA LEU A 132 -5.09 8.28 -8.57
C LEU A 132 -5.13 9.22 -7.38
N LYS A 133 -4.35 8.89 -6.36
CA LYS A 133 -4.22 9.73 -5.17
C LYS A 133 -2.71 9.81 -5.04
N LEU A 134 -2.15 10.93 -5.50
CA LEU A 134 -0.71 11.10 -5.48
C LEU A 134 -0.22 12.13 -4.47
N THR A 135 0.74 11.72 -3.65
CA THR A 135 1.30 12.63 -2.68
C THR A 135 2.44 13.41 -3.34
N SER A 136 2.81 14.53 -2.73
CA SER A 136 3.89 15.37 -3.24
C SER A 136 4.27 16.36 -2.15
N TYR A 137 5.47 16.92 -2.26
CA TYR A 137 5.94 17.89 -1.28
C TYR A 137 6.51 19.11 -1.99
N ILE A 138 6.64 20.21 -1.27
CA ILE A 138 7.22 21.42 -1.84
C ILE A 138 8.66 21.11 -2.24
N ASP A 139 9.05 21.56 -3.43
CA ASP A 139 10.41 21.35 -3.92
C ASP A 139 11.22 22.52 -3.36
N LYS A 140 12.01 22.24 -2.33
CA LYS A 140 12.81 23.29 -1.69
C LYS A 140 13.74 24.07 -2.62
N SER A 141 14.20 23.45 -3.70
CA SER A 141 15.08 24.15 -4.62
C SER A 141 14.33 25.24 -5.39
N LYS A 142 13.01 25.06 -5.54
CA LYS A 142 12.20 26.04 -6.26
C LYS A 142 11.61 27.08 -5.32
N VAL A 143 11.49 26.72 -4.04
CA VAL A 143 10.91 27.62 -3.05
C VAL A 143 11.85 27.81 -1.85
N PRO A 144 12.89 28.62 -2.03
CA PRO A 144 13.85 28.86 -0.93
C PRO A 144 13.34 29.79 0.17
N ASN A 145 12.32 30.58 -0.14
CA ASN A 145 11.82 31.55 0.80
C ASN A 145 10.51 31.29 1.54
N ASN A 146 10.47 31.74 2.79
CA ASN A 146 9.27 31.61 3.61
C ASN A 146 8.20 32.52 3.05
N ASN A 147 6.94 32.17 3.30
CA ASN A 147 5.80 32.96 2.85
C ASN A 147 5.71 33.17 1.34
N THR A 148 6.03 32.13 0.58
CA THR A 148 5.98 32.20 -0.87
C THR A 148 4.59 31.74 -1.32
N LYS A 149 3.82 32.65 -1.91
CA LYS A 149 2.48 32.31 -2.39
C LYS A 149 2.59 31.68 -3.77
N LEU A 150 1.96 30.53 -3.94
CA LEU A 150 2.02 29.81 -5.19
C LEU A 150 0.64 29.45 -5.71
N ASP A 151 0.52 29.46 -7.03
CA ASP A 151 -0.73 29.04 -7.66
C ASP A 151 -0.29 27.70 -8.22
N VAL A 152 -0.42 26.65 -7.43
CA VAL A 152 0.00 25.32 -7.85
C VAL A 152 -0.99 24.68 -8.81
N GLU A 153 -0.44 24.02 -9.82
CA GLU A 153 -1.23 23.37 -10.85
C GLU A 153 -0.80 21.93 -11.07
N TYR A 154 -1.79 21.04 -11.05
CA TYR A 154 -1.56 19.62 -11.29
C TYR A 154 -2.40 19.27 -12.52
N LYS A 155 -1.93 18.31 -13.31
CA LYS A 155 -2.62 17.93 -14.53
C LYS A 155 -2.68 16.43 -14.78
N THR A 156 -3.69 16.02 -15.52
CA THR A 156 -3.86 14.64 -15.92
C THR A 156 -4.37 14.73 -17.34
N ALA A 157 -3.70 14.04 -18.24
CA ALA A 157 -4.08 14.06 -19.64
C ALA A 157 -4.07 15.54 -20.06
N LEU A 158 -5.17 16.01 -20.62
CA LEU A 158 -5.27 17.39 -21.07
C LEU A 158 -6.11 18.26 -20.14
N SER A 159 -6.28 17.81 -18.89
CA SER A 159 -7.06 18.56 -17.91
C SER A 159 -6.17 19.03 -16.78
N SER A 160 -6.59 20.08 -16.08
CA SER A 160 -5.80 20.60 -14.98
C SER A 160 -6.68 21.15 -13.86
N VAL A 161 -6.04 21.43 -12.73
CA VAL A 161 -6.71 21.99 -11.57
C VAL A 161 -5.68 22.85 -10.84
N ASN A 162 -6.13 23.98 -10.30
CA ASN A 162 -5.23 24.89 -9.59
C ASN A 162 -5.68 25.14 -8.16
N LYS A 163 -4.75 25.59 -7.34
CA LYS A 163 -5.04 25.90 -5.94
C LYS A 163 -3.97 26.85 -5.42
N THR A 164 -4.42 27.93 -4.78
CA THR A 164 -3.49 28.90 -4.24
C THR A 164 -3.11 28.54 -2.81
N ILE A 165 -1.82 28.50 -2.53
CA ILE A 165 -1.34 28.18 -1.20
C ILE A 165 -0.08 28.98 -0.90
N THR A 166 0.22 29.14 0.37
CA THR A 166 1.42 29.86 0.77
C THR A 166 2.32 28.86 1.48
N VAL A 167 3.60 28.85 1.11
CA VAL A 167 4.55 27.95 1.75
C VAL A 167 5.15 28.64 2.95
N GLU A 168 5.07 27.98 4.10
CA GLU A 168 5.61 28.52 5.33
C GLU A 168 6.70 27.61 5.88
N TYR A 169 7.84 28.21 6.23
CA TYR A 169 8.96 27.47 6.78
C TYR A 169 9.10 27.78 8.26
N GLN A 170 9.90 26.98 8.96
CA GLN A 170 10.09 27.14 10.39
C GLN A 170 10.98 28.32 10.77
N LYS A 171 11.00 28.60 12.07
CA LYS A 171 11.79 29.69 12.62
C LYS A 171 12.78 29.09 13.62
N PRO A 172 13.86 29.82 13.92
CA PRO A 172 14.85 29.30 14.87
C PRO A 172 14.34 29.29 16.31
N ASN A 173 14.91 28.41 17.12
CA ASN A 173 14.56 28.32 18.53
C ASN A 173 15.70 29.09 19.17
N GLU A 174 15.38 30.02 20.07
CA GLU A 174 16.43 30.81 20.70
C GLU A 174 16.25 30.97 22.20
N ASN A 175 17.37 31.16 22.89
CA ASN A 175 17.39 31.33 24.33
C ASN A 175 18.61 32.21 24.58
N ARG A 176 18.38 33.51 24.73
CA ARG A 176 19.46 34.46 24.90
C ARG A 176 20.24 34.40 23.58
N THR A 177 21.56 34.24 23.66
CA THR A 177 22.37 34.19 22.44
C THR A 177 22.32 32.86 21.69
N ALA A 178 21.86 31.81 22.36
CA ALA A 178 21.77 30.50 21.71
C ALA A 178 20.58 30.51 20.77
N ASN A 179 20.82 30.17 19.50
CA ASN A 179 19.74 30.15 18.51
C ASN A 179 20.10 29.24 17.35
N LEU A 180 19.16 28.40 16.93
CA LEU A 180 19.41 27.47 15.84
C LEU A 180 18.12 26.88 15.27
N GLN A 181 18.29 26.09 14.22
CA GLN A 181 17.20 25.35 13.59
C GLN A 181 17.85 24.26 12.75
N SER A 182 17.09 23.23 12.41
CA SER A 182 17.63 22.14 11.62
C SER A 182 16.55 21.42 10.86
N MET A 183 16.95 20.68 9.84
CA MET A 183 16.00 19.93 9.02
C MET A 183 16.70 18.74 8.38
N PHE A 184 15.98 17.63 8.27
CA PHE A 184 16.53 16.46 7.61
C PHE A 184 16.42 16.85 6.13
N THR A 185 17.47 16.60 5.37
CA THR A 185 17.45 16.96 3.96
C THR A 185 17.71 15.80 3.00
N ASN A 186 17.86 14.59 3.56
CA ASN A 186 18.04 13.39 2.76
C ASN A 186 17.94 12.13 3.61
N ILE A 187 17.54 11.04 2.97
CA ILE A 187 17.50 9.75 3.63
C ILE A 187 17.92 8.73 2.57
N ASP A 188 18.80 7.82 2.96
CA ASP A 188 19.28 6.76 2.09
C ASP A 188 18.79 5.48 2.76
N THR A 189 17.67 4.94 2.27
CA THR A 189 17.10 3.74 2.87
C THR A 189 17.91 2.47 2.55
N LYS A 190 18.74 2.54 1.51
CA LYS A 190 19.58 1.42 1.13
C LYS A 190 20.74 1.29 2.11
N ASN A 191 21.40 2.42 2.37
CA ASN A 191 22.55 2.45 3.27
C ASN A 191 22.19 2.84 4.69
N HIS A 192 20.90 3.07 4.92
CA HIS A 192 20.40 3.44 6.25
C HIS A 192 21.04 4.67 6.85
N THR A 193 21.03 5.78 6.11
CA THR A 193 21.59 7.03 6.62
C THR A 193 20.61 8.17 6.41
N VAL A 194 20.78 9.23 7.20
CA VAL A 194 19.95 10.42 7.07
C VAL A 194 20.90 11.61 7.06
N GLU A 195 20.48 12.68 6.42
CA GLU A 195 21.29 13.88 6.35
C GLU A 195 20.53 15.00 7.04
N GLN A 196 21.22 15.71 7.93
CA GLN A 196 20.61 16.80 8.66
C GLN A 196 21.40 18.08 8.42
N THR A 197 20.68 19.12 8.01
CA THR A 197 21.27 20.43 7.73
C THR A 197 20.91 21.29 8.93
N ILE A 198 21.93 21.77 9.62
CA ILE A 198 21.75 22.59 10.81
C ILE A 198 22.24 24.02 10.62
N TYR A 199 21.42 24.97 11.03
CA TYR A 199 21.77 26.39 10.94
C TYR A 199 22.16 26.81 12.36
N ILE A 200 23.41 27.21 12.54
CA ILE A 200 23.88 27.65 13.85
C ILE A 200 24.00 29.18 13.85
N ASN A 201 23.38 29.84 14.82
CA ASN A 201 23.42 31.29 14.94
C ASN A 201 22.85 32.02 13.72
N PRO A 202 21.72 31.53 13.17
CA PRO A 202 21.17 32.22 12.00
C PRO A 202 20.81 33.69 12.27
N LEU A 203 20.55 34.01 13.54
CA LEU A 203 20.17 35.36 13.94
C LEU A 203 21.35 36.32 14.08
N ARG A 204 22.56 35.80 13.89
CA ARG A 204 23.77 36.61 13.98
C ARG A 204 23.97 37.30 15.33
N TYR A 205 23.72 36.56 16.42
CA TYR A 205 23.91 37.10 17.76
C TYR A 205 25.39 36.89 18.10
N SER A 206 25.84 37.51 19.18
CA SER A 206 27.23 37.35 19.60
C SER A 206 27.22 36.20 20.61
N ALA A 207 27.29 34.97 20.09
CA ALA A 207 27.26 33.76 20.91
C ALA A 207 28.62 33.38 21.48
N LYS A 208 28.78 33.56 22.79
CA LYS A 208 30.03 33.26 23.45
C LYS A 208 30.20 31.78 23.83
N GLU A 209 31.42 31.28 23.71
CA GLU A 209 31.74 29.89 24.04
C GLU A 209 30.68 28.92 23.53
N THR A 210 30.36 29.05 22.25
CA THR A 210 29.35 28.21 21.63
C THR A 210 29.72 26.73 21.46
N ASN A 211 28.84 25.85 21.92
CA ASN A 211 29.05 24.42 21.77
C ASN A 211 27.78 23.87 21.11
N VAL A 212 27.97 22.99 20.14
CA VAL A 212 26.86 22.37 19.44
C VAL A 212 26.91 20.87 19.67
N ASN A 213 25.85 20.34 20.26
CA ASN A 213 25.75 18.92 20.54
C ASN A 213 24.72 18.30 19.60
N ILE A 214 25.10 17.21 18.95
CA ILE A 214 24.20 16.50 18.06
C ILE A 214 24.01 15.14 18.71
N SER A 215 22.75 14.79 18.97
CA SER A 215 22.45 13.53 19.65
C SER A 215 21.48 12.63 18.90
N GLY A 216 21.77 11.33 18.95
CA GLY A 216 20.92 10.35 18.30
C GLY A 216 19.92 9.77 19.30
N ASN A 217 20.01 10.22 20.55
CA ASN A 217 19.09 9.75 21.59
C ASN A 217 17.89 10.69 21.67
N GLY A 218 16.87 10.40 20.86
CA GLY A 218 15.69 11.25 20.86
C GLY A 218 14.60 10.73 21.77
N ASP A 219 13.58 11.55 22.00
CA ASP A 219 12.47 11.17 22.86
C ASP A 219 11.38 10.44 22.08
N GLU A 220 11.47 10.46 20.75
CA GLU A 220 10.48 9.80 19.91
C GLU A 220 11.15 8.89 18.87
N GLY A 221 12.47 9.00 18.76
CA GLY A 221 13.20 8.17 17.81
C GLY A 221 14.69 8.24 18.06
N SER A 222 15.48 7.82 17.06
CA SER A 222 16.92 7.83 17.21
C SER A 222 17.70 7.68 15.92
N THR A 223 19.00 7.91 16.06
CA THR A 223 19.97 7.75 14.98
C THR A 223 21.21 7.25 15.69
N ILE A 224 22.27 6.96 14.94
CA ILE A 224 23.50 6.46 15.53
C ILE A 224 24.63 7.45 15.30
N ILE A 225 25.21 7.95 16.38
CA ILE A 225 26.32 8.88 16.29
C ILE A 225 27.56 8.15 16.80
N ASP A 226 28.55 8.01 15.93
CA ASP A 226 29.79 7.34 16.29
C ASP A 226 30.91 7.87 15.41
N ASP A 227 32.06 7.19 15.36
CA ASP A 227 33.17 7.70 14.55
C ASP A 227 32.95 7.60 13.05
N SER A 228 31.80 7.06 12.63
CA SER A 228 31.50 6.95 11.20
C SER A 228 30.67 8.16 10.77
N THR A 229 30.13 8.88 11.75
CA THR A 229 29.32 10.07 11.47
C THR A 229 30.14 11.08 10.71
N ILE A 230 29.59 11.60 9.62
CA ILE A 230 30.29 12.57 8.80
C ILE A 230 29.76 13.97 9.08
N ILE A 231 30.63 14.85 9.55
CA ILE A 231 30.26 16.21 9.89
C ILE A 231 31.07 17.22 9.09
N LYS A 232 30.37 18.16 8.46
CA LYS A 232 31.02 19.21 7.68
C LYS A 232 30.44 20.53 8.20
N VAL A 233 31.28 21.54 8.33
CA VAL A 233 30.83 22.84 8.82
C VAL A 233 31.21 23.93 7.83
N TYR A 234 30.28 24.84 7.57
CA TYR A 234 30.52 25.93 6.63
C TYR A 234 30.19 27.26 7.28
N LYS A 235 30.95 28.30 6.92
CA LYS A 235 30.71 29.63 7.46
C LYS A 235 29.89 30.44 6.46
N VAL A 236 28.92 31.19 6.96
CA VAL A 236 28.11 32.02 6.09
C VAL A 236 28.72 33.42 6.09
N GLY A 237 29.05 33.92 4.90
CA GLY A 237 29.68 35.23 4.77
C GLY A 237 28.81 36.38 5.19
N ASP A 238 29.42 37.55 5.38
CA ASP A 238 28.66 38.72 5.79
C ASP A 238 27.63 39.14 4.74
N ASN A 239 27.89 38.78 3.49
CA ASN A 239 27.02 39.13 2.37
C ASN A 239 26.01 38.05 1.99
N GLN A 240 26.06 36.90 2.68
CA GLN A 240 25.16 35.80 2.35
C GLN A 240 23.95 35.68 3.29
N ASN A 241 22.89 35.06 2.77
CA ASN A 241 21.66 34.85 3.52
C ASN A 241 21.19 33.42 3.31
N LEU A 242 21.13 32.66 4.39
CA LEU A 242 20.70 31.27 4.33
C LEU A 242 19.26 31.21 3.84
N PRO A 243 18.93 30.21 3.01
CA PRO A 243 17.54 30.11 2.54
C PRO A 243 16.65 29.58 3.66
N ASP A 244 15.45 30.16 3.76
CA ASP A 244 14.49 29.74 4.78
C ASP A 244 14.15 28.26 4.68
N SER A 245 14.29 27.69 3.49
CA SER A 245 13.98 26.28 3.26
C SER A 245 14.80 25.33 4.14
N ASN A 246 15.94 25.83 4.65
CA ASN A 246 16.82 25.03 5.51
C ASN A 246 17.47 23.88 4.73
N ARG A 247 17.65 24.09 3.43
CA ARG A 247 18.29 23.08 2.59
C ARG A 247 19.24 23.78 1.62
N ILE A 248 20.49 23.32 1.60
CA ILE A 248 21.51 23.90 0.74
C ILE A 248 21.73 23.03 -0.50
N TYR A 249 21.50 23.60 -1.68
CA TYR A 249 21.68 22.85 -2.92
C TYR A 249 23.04 23.02 -3.59
N ASP A 250 23.85 23.96 -3.08
CA ASP A 250 25.18 24.18 -3.63
C ASP A 250 26.13 24.63 -2.53
N TYR A 251 26.73 23.67 -1.84
CA TYR A 251 27.65 23.99 -0.75
C TYR A 251 28.93 24.69 -1.20
N SER A 252 29.29 24.59 -2.48
CA SER A 252 30.51 25.24 -2.96
C SER A 252 30.38 26.75 -2.78
N GLU A 253 29.15 27.21 -2.57
CA GLU A 253 28.86 28.62 -2.36
C GLU A 253 29.28 29.12 -0.97
N TYR A 254 29.51 28.19 -0.05
CA TYR A 254 29.88 28.57 1.31
C TYR A 254 31.31 28.16 1.65
N GLU A 255 31.92 28.92 2.55
CA GLU A 255 33.28 28.64 2.98
C GLU A 255 33.34 27.41 3.89
N ASP A 256 34.05 26.38 3.44
CA ASP A 256 34.21 25.15 4.21
C ASP A 256 35.23 25.40 5.32
N VAL A 257 34.79 25.32 6.57
CA VAL A 257 35.69 25.53 7.70
C VAL A 257 35.75 24.30 8.60
N THR A 258 35.45 23.14 8.03
CA THR A 258 35.46 21.89 8.77
C THR A 258 36.83 21.60 9.38
N ASN A 259 36.84 21.25 10.66
CA ASN A 259 38.07 20.92 11.37
C ASN A 259 37.71 19.85 12.38
N ASP A 260 38.00 18.60 12.03
CA ASP A 260 37.67 17.48 12.90
C ASP A 260 38.22 17.59 14.32
N ASP A 261 39.24 18.41 14.51
CA ASP A 261 39.82 18.59 15.85
C ASP A 261 38.83 19.19 16.83
N TYR A 262 37.78 19.83 16.31
CA TYR A 262 36.80 20.47 17.18
C TYR A 262 35.52 19.69 17.38
N ALA A 263 35.50 18.48 16.84
CA ALA A 263 34.34 17.60 16.99
C ALA A 263 34.82 16.44 17.85
N GLN A 264 34.14 16.20 18.96
CA GLN A 264 34.50 15.11 19.85
C GLN A 264 33.28 14.38 20.32
N LEU A 265 33.27 13.06 20.12
CA LEU A 265 32.15 12.24 20.51
C LEU A 265 31.90 12.36 22.00
N GLY A 266 30.63 12.22 22.39
CA GLY A 266 30.26 12.33 23.79
C GLY A 266 29.93 10.95 24.35
N ASN A 267 29.56 10.92 25.63
CA ASN A 267 29.25 9.66 26.30
C ASN A 267 27.81 9.21 26.18
N ASN A 268 27.05 9.83 25.27
CA ASN A 268 25.65 9.45 25.13
C ASN A 268 25.10 9.50 23.71
N ASN A 269 25.64 8.65 22.85
CA ASN A 269 25.22 8.56 21.45
C ASN A 269 25.19 9.98 20.87
N ASP A 270 26.21 10.76 21.16
CA ASP A 270 26.25 12.13 20.68
C ASP A 270 27.64 12.61 20.30
N VAL A 271 27.73 13.88 19.90
CA VAL A 271 28.99 14.49 19.51
C VAL A 271 28.90 15.98 19.82
N ASN A 272 30.01 16.55 20.25
CA ASN A 272 30.08 17.96 20.60
C ASN A 272 31.03 18.72 19.70
N ILE A 273 30.56 19.83 19.14
CA ILE A 273 31.39 20.64 18.24
C ILE A 273 31.62 22.00 18.90
N ASN A 274 32.89 22.32 19.13
CA ASN A 274 33.24 23.59 19.75
C ASN A 274 33.41 24.70 18.71
N PHE A 275 32.55 25.71 18.79
CA PHE A 275 32.59 26.83 17.87
C PHE A 275 33.26 28.05 18.49
N GLY A 276 33.39 28.05 19.81
CA GLY A 276 34.00 29.19 20.49
C GLY A 276 33.11 30.42 20.34
N ASN A 277 33.71 31.61 20.40
CA ASN A 277 32.96 32.86 20.27
C ASN A 277 32.65 33.10 18.79
N ILE A 278 31.38 33.28 18.46
CA ILE A 278 30.99 33.54 17.07
C ILE A 278 29.98 34.68 16.96
N ASP A 279 29.89 35.26 15.78
CA ASP A 279 28.94 36.35 15.52
C ASP A 279 28.26 36.13 14.16
N SER A 280 28.69 35.11 13.44
CA SER A 280 28.14 34.79 12.13
C SER A 280 27.38 33.46 12.17
N PRO A 281 26.57 33.19 11.13
CA PRO A 281 25.83 31.93 11.08
C PRO A 281 26.77 30.85 10.53
N TYR A 282 26.49 29.60 10.86
CA TYR A 282 27.27 28.50 10.32
C TYR A 282 26.29 27.41 9.93
N ILE A 283 26.70 26.58 8.98
CA ILE A 283 25.88 25.46 8.54
C ILE A 283 26.62 24.19 8.91
N ILE A 284 25.90 23.22 9.48
CA ILE A 284 26.52 21.95 9.79
C ILE A 284 25.73 20.91 9.00
N LYS A 285 26.42 20.14 8.16
CA LYS A 285 25.74 19.08 7.42
C LYS A 285 26.25 17.80 8.05
N VAL A 286 25.33 16.99 8.55
CA VAL A 286 25.70 15.75 9.21
C VAL A 286 25.06 14.56 8.53
N ILE A 287 25.86 13.52 8.32
CA ILE A 287 25.34 12.30 7.72
C ILE A 287 25.53 11.25 8.80
N SER A 288 24.41 10.70 9.29
CA SER A 288 24.46 9.68 10.34
C SER A 288 23.65 8.46 9.93
N LYS A 289 23.93 7.33 10.57
CA LYS A 289 23.20 6.12 10.25
C LYS A 289 22.03 5.94 11.22
N TYR A 290 21.09 5.07 10.85
CA TYR A 290 19.98 4.77 11.75
C TYR A 290 19.83 3.25 11.79
N ASP A 291 19.29 2.74 12.89
CA ASP A 291 19.10 1.30 13.07
C ASP A 291 18.29 0.66 11.94
N PRO A 292 18.94 -0.21 11.15
CA PRO A 292 18.32 -0.92 10.02
C PRO A 292 17.13 -1.76 10.45
N ASN A 293 17.10 -2.13 11.72
CA ASN A 293 16.03 -2.96 12.27
C ASN A 293 14.75 -2.20 12.59
N LYS A 294 14.76 -0.89 12.39
CA LYS A 294 13.56 -0.08 12.66
C LYS A 294 12.49 -0.45 11.65
N ASP A 295 11.24 -0.54 12.10
CA ASP A 295 10.14 -0.87 11.22
C ASP A 295 9.22 0.34 11.01
N ASP A 296 9.55 1.43 11.68
CA ASP A 296 8.78 2.67 11.62
C ASP A 296 9.71 3.84 11.29
N TYR A 297 9.64 4.33 10.06
CA TYR A 297 10.49 5.44 9.64
C TYR A 297 10.34 6.67 10.52
N THR A 298 9.17 6.86 11.15
CA THR A 298 9.01 8.05 11.99
C THR A 298 9.76 7.94 13.32
N THR A 299 10.49 6.84 13.52
CA THR A 299 11.27 6.68 14.75
C THR A 299 12.73 7.04 14.49
N ILE A 300 12.97 7.75 13.40
CA ILE A 300 14.31 8.22 13.05
C ILE A 300 14.30 9.69 13.45
N GLN A 301 14.97 10.01 14.56
CA GLN A 301 14.99 11.36 15.09
C GLN A 301 16.39 11.75 15.56
N GLN A 302 16.79 12.97 15.25
CA GLN A 302 18.10 13.47 15.64
C GLN A 302 17.90 14.82 16.32
N THR A 303 18.59 15.02 17.44
CA THR A 303 18.45 16.23 18.23
C THR A 303 19.72 17.07 18.25
N VAL A 304 19.56 18.39 18.19
CA VAL A 304 20.69 19.30 18.21
C VAL A 304 20.49 20.34 19.30
N THR A 305 21.55 20.63 20.03
CA THR A 305 21.49 21.58 21.12
C THR A 305 22.66 22.57 21.03
N MET A 306 22.34 23.86 21.04
CA MET A 306 23.38 24.87 20.99
C MET A 306 23.49 25.47 22.39
N GLN A 307 24.71 25.51 22.92
CA GLN A 307 24.95 26.07 24.23
C GLN A 307 25.84 27.29 24.13
N THR A 308 25.49 28.35 24.84
CA THR A 308 26.29 29.57 24.84
C THR A 308 26.44 30.04 26.27
N THR A 309 27.55 30.72 26.56
CA THR A 309 27.78 31.23 27.90
C THR A 309 27.30 32.67 27.97
N ILE A 310 26.46 32.97 28.97
CA ILE A 310 25.94 34.32 29.09
C ILE A 310 26.59 35.14 30.20
N ASN A 311 27.44 34.48 30.97
CA ASN A 311 28.17 35.14 32.05
C ASN A 311 29.58 34.57 32.09
N GLU A 312 30.52 35.34 31.56
CA GLU A 312 31.93 34.97 31.47
C GLU A 312 32.61 34.71 32.81
N TYR A 313 32.10 35.29 33.89
CA TYR A 313 32.72 35.10 35.20
C TYR A 313 32.27 33.84 35.92
N THR A 314 30.97 33.55 35.82
CA THR A 314 30.40 32.38 36.47
C THR A 314 30.28 31.19 35.52
N GLY A 315 30.31 31.45 34.22
CA GLY A 315 30.19 30.38 33.26
C GLY A 315 28.73 30.01 33.05
N GLU A 316 27.83 30.75 33.67
CA GLU A 316 26.40 30.49 33.52
C GLU A 316 26.10 30.43 32.03
N PHE A 317 25.39 29.39 31.61
CA PHE A 317 25.08 29.22 30.20
C PHE A 317 23.59 29.03 29.94
N ARG A 318 23.25 28.98 28.65
CA ARG A 318 21.88 28.78 28.20
C ARG A 318 21.91 27.81 27.02
N THR A 319 20.80 27.13 26.78
CA THR A 319 20.74 26.19 25.67
C THR A 319 19.45 26.36 24.87
N ALA A 320 19.54 26.07 23.58
CA ALA A 320 18.41 26.13 22.66
C ALA A 320 18.50 24.83 21.86
N SER A 321 17.39 24.10 21.78
CA SER A 321 17.39 22.83 21.06
C SER A 321 16.42 22.75 19.89
N TYR A 322 16.65 21.75 19.04
CA TYR A 322 15.84 21.50 17.87
C TYR A 322 15.97 20.02 17.55
N ASP A 323 14.93 19.44 16.95
CA ASP A 323 15.03 18.05 16.55
C ASP A 323 14.21 17.82 15.31
N ASN A 324 14.59 16.81 14.55
CA ASN A 324 13.89 16.46 13.33
C ASN A 324 13.51 14.98 13.35
N THR A 325 12.38 14.69 12.72
CA THR A 325 11.87 13.33 12.62
C THR A 325 11.52 13.08 11.15
N ILE A 326 11.84 11.90 10.67
CA ILE A 326 11.51 11.52 9.29
C ILE A 326 10.01 11.36 9.16
N ALA A 327 9.48 11.76 8.00
CA ALA A 327 8.06 11.64 7.71
C ALA A 327 7.92 11.05 6.31
N PHE A 328 6.78 10.42 6.05
CA PHE A 328 6.54 9.85 4.74
C PHE A 328 5.05 9.77 4.43
N SER A 329 4.76 9.67 3.14
CA SER A 329 3.39 9.56 2.66
C SER A 329 3.41 8.53 1.53
N THR A 330 2.22 8.11 1.10
CA THR A 330 2.14 7.13 0.05
C THR A 330 1.17 7.57 -1.05
N SER A 331 1.24 6.91 -2.19
CA SER A 331 0.37 7.21 -3.32
C SER A 331 -0.31 5.91 -3.76
N SER A 332 -1.38 6.01 -4.52
CA SER A 332 -2.07 4.81 -4.97
C SER A 332 -2.81 5.04 -6.28
N GLY A 333 -3.04 3.93 -6.98
CA GLY A 333 -3.74 3.98 -8.25
C GLY A 333 -4.72 2.82 -8.29
N GLN A 334 -6.00 3.13 -8.47
CA GLN A 334 -7.03 2.10 -8.52
C GLN A 334 -7.83 2.25 -9.80
N GLY A 335 -8.31 1.13 -10.33
CA GLY A 335 -9.09 1.17 -11.55
C GLY A 335 -10.03 0.00 -11.65
N GLN A 336 -10.81 -0.04 -12.71
CA GLN A 336 -11.74 -1.14 -12.92
C GLN A 336 -12.31 -1.08 -14.32
N GLY A 337 -12.42 -2.24 -14.94
CA GLY A 337 -12.98 -2.34 -16.28
C GLY A 337 -14.00 -3.45 -16.28
N ASP A 338 -14.80 -3.50 -17.33
CA ASP A 338 -15.82 -4.53 -17.44
C ASP A 338 -15.41 -5.55 -18.47
N LEU A 339 -15.61 -6.83 -18.18
CA LEU A 339 -15.26 -7.85 -19.16
C LEU A 339 -16.45 -7.93 -20.11
N PRO A 340 -16.25 -7.57 -21.39
CA PRO A 340 -17.33 -7.59 -22.40
C PRO A 340 -18.14 -8.88 -22.47
N PRO A 341 -19.42 -8.73 -22.79
CA PRO A 341 -20.31 -9.87 -22.93
C PRO A 341 -20.54 -9.98 -24.43
N GLY B 21 -5.60 -0.60 29.06
CA GLY B 21 -6.56 0.20 28.22
C GLY B 21 -7.95 -0.41 28.23
N SER B 22 -8.93 0.30 27.71
CA SER B 22 -10.30 -0.22 27.67
C SER B 22 -10.98 0.08 26.34
N ASN B 23 -12.15 -0.51 26.15
CA ASN B 23 -12.92 -0.32 24.92
C ASN B 23 -13.51 1.09 24.90
N VAL B 24 -13.28 1.82 23.82
CA VAL B 24 -13.79 3.17 23.70
C VAL B 24 -14.71 3.35 22.49
N ASN B 25 -15.52 2.33 22.22
CA ASN B 25 -16.46 2.40 21.11
C ASN B 25 -17.44 3.55 21.33
N HIS B 26 -17.68 3.88 22.61
CA HIS B 26 -18.60 4.96 22.94
C HIS B 26 -17.97 6.32 22.68
N LEU B 27 -16.67 6.33 22.37
CA LEU B 27 -15.96 7.57 22.09
C LEU B 27 -15.64 7.70 20.59
N ILE B 28 -16.20 6.80 19.80
CA ILE B 28 -16.00 6.82 18.36
C ILE B 28 -17.28 7.29 17.67
N LYS B 29 -17.18 8.36 16.90
CA LYS B 29 -18.34 8.91 16.19
C LYS B 29 -18.20 8.70 14.67
N VAL B 30 -18.96 7.75 14.14
CA VAL B 30 -18.91 7.45 12.72
C VAL B 30 -19.67 8.50 11.92
N THR B 31 -18.98 9.15 10.99
CA THR B 31 -19.58 10.19 10.18
C THR B 31 -19.95 9.73 8.76
N ASP B 32 -19.43 8.57 8.35
CA ASP B 32 -19.73 8.01 7.04
C ASP B 32 -19.44 6.51 6.98
N GLN B 33 -20.28 5.79 6.24
CA GLN B 33 -20.14 4.35 6.06
C GLN B 33 -20.74 3.95 4.73
N SER B 34 -20.18 2.90 4.13
CA SER B 34 -20.70 2.40 2.86
C SER B 34 -20.14 1.02 2.56
N ILE B 35 -20.96 0.22 1.89
CA ILE B 35 -20.60 -1.12 1.47
C ILE B 35 -20.65 -1.02 -0.05
N THR B 36 -19.51 -1.22 -0.71
CA THR B 36 -19.45 -1.09 -2.16
C THR B 36 -18.99 -2.39 -2.82
N GLU B 37 -19.67 -2.77 -3.90
CA GLU B 37 -19.31 -3.98 -4.62
C GLU B 37 -18.03 -3.73 -5.41
N GLY B 38 -17.17 -4.74 -5.47
CA GLY B 38 -15.91 -4.62 -6.17
C GLY B 38 -16.01 -4.23 -7.63
N TYR B 39 -16.99 -4.78 -8.35
CA TYR B 39 -17.17 -4.46 -9.75
C TYR B 39 -18.40 -3.57 -9.94
N ASP B 40 -18.55 -2.99 -11.13
CA ASP B 40 -19.68 -2.10 -11.37
C ASP B 40 -20.67 -2.57 -12.42
N ASP B 41 -20.48 -3.77 -12.97
CA ASP B 41 -21.36 -4.29 -14.00
C ASP B 41 -22.26 -5.45 -13.58
N SER B 42 -22.43 -5.62 -12.27
CA SER B 42 -23.26 -6.70 -11.74
C SER B 42 -23.84 -6.26 -10.40
N ASP B 43 -24.40 -5.06 -10.36
CA ASP B 43 -24.95 -4.54 -9.12
C ASP B 43 -26.03 -5.41 -8.49
N GLY B 44 -25.96 -5.50 -7.16
CA GLY B 44 -26.88 -6.31 -6.40
C GLY B 44 -26.43 -7.75 -6.32
N ILE B 45 -25.42 -8.09 -7.12
CA ILE B 45 -24.90 -9.45 -7.17
C ILE B 45 -23.40 -9.52 -6.90
N ILE B 46 -22.99 -10.40 -5.99
CA ILE B 46 -21.56 -10.57 -5.73
C ILE B 46 -21.10 -11.80 -6.50
N LYS B 47 -20.34 -11.56 -7.56
CA LYS B 47 -19.81 -12.64 -8.40
C LYS B 47 -18.56 -13.19 -7.70
N ALA B 48 -18.78 -13.96 -6.65
CA ALA B 48 -17.70 -14.54 -5.85
C ALA B 48 -16.64 -15.31 -6.66
N HIS B 49 -17.07 -16.01 -7.70
CA HIS B 49 -16.14 -16.78 -8.53
C HIS B 49 -15.44 -15.94 -9.61
N ASP B 50 -15.67 -14.63 -9.58
CA ASP B 50 -14.99 -13.70 -10.48
C ASP B 50 -14.13 -12.85 -9.55
N ALA B 51 -14.02 -13.31 -8.31
CA ALA B 51 -13.24 -12.64 -7.27
C ALA B 51 -13.79 -11.26 -6.89
N GLU B 52 -15.09 -11.04 -7.07
CA GLU B 52 -15.64 -9.73 -6.71
C GLU B 52 -15.67 -9.57 -5.20
N ASN B 53 -15.06 -8.49 -4.72
CA ASN B 53 -15.00 -8.24 -3.29
C ASN B 53 -16.08 -7.26 -2.81
N LEU B 54 -16.21 -7.17 -1.49
CA LEU B 54 -17.15 -6.25 -0.85
C LEU B 54 -16.24 -5.29 -0.11
N ILE B 55 -16.35 -4.01 -0.42
CA ILE B 55 -15.49 -2.98 0.17
C ILE B 55 -16.22 -2.13 1.21
N TYR B 56 -15.74 -2.18 2.44
CA TYR B 56 -16.33 -1.41 3.52
C TYR B 56 -15.54 -0.14 3.78
N ASP B 57 -16.18 1.01 3.57
CA ASP B 57 -15.57 2.30 3.82
C ASP B 57 -16.26 2.95 5.01
N VAL B 58 -15.45 3.47 5.94
CA VAL B 58 -16.00 4.14 7.12
C VAL B 58 -15.07 5.26 7.57
N THR B 59 -15.68 6.38 7.97
CA THR B 59 -14.94 7.53 8.45
C THR B 59 -15.46 7.82 9.85
N PHE B 60 -14.57 8.12 10.77
CA PHE B 60 -14.99 8.38 12.15
C PHE B 60 -14.07 9.32 12.90
N GLU B 61 -14.61 9.94 13.95
CA GLU B 61 -13.84 10.85 14.78
C GLU B 61 -13.47 10.12 16.06
N VAL B 62 -12.29 10.43 16.59
CA VAL B 62 -11.85 9.81 17.83
C VAL B 62 -11.86 10.91 18.88
N ASP B 63 -12.67 10.73 19.92
CA ASP B 63 -12.77 11.73 20.98
C ASP B 63 -11.41 11.95 21.66
N ASP B 64 -11.14 13.18 22.05
CA ASP B 64 -9.89 13.51 22.72
C ASP B 64 -9.69 12.74 24.03
N LYS B 65 -10.77 12.17 24.56
CA LYS B 65 -10.68 11.42 25.81
C LYS B 65 -10.00 10.07 25.63
N VAL B 66 -9.90 9.62 24.38
CA VAL B 66 -9.25 8.34 24.10
C VAL B 66 -7.77 8.42 24.45
N LYS B 67 -7.27 7.39 25.14
CA LYS B 67 -5.88 7.36 25.54
C LYS B 67 -5.13 6.17 24.94
N SER B 68 -3.81 6.27 24.91
CA SER B 68 -2.97 5.20 24.38
C SER B 68 -3.34 3.86 25.02
N GLY B 69 -3.53 2.84 24.20
CA GLY B 69 -3.88 1.53 24.71
C GLY B 69 -5.36 1.19 24.62
N ASP B 70 -6.21 2.21 24.50
CA ASP B 70 -7.64 1.97 24.38
C ASP B 70 -7.90 1.23 23.06
N THR B 71 -9.04 0.56 22.97
CA THR B 71 -9.37 -0.21 21.77
C THR B 71 -10.76 0.12 21.23
N MET B 72 -10.95 -0.15 19.95
CA MET B 72 -12.23 0.07 19.29
C MET B 72 -12.39 -1.11 18.35
N THR B 73 -13.62 -1.45 18.00
CA THR B 73 -13.85 -2.59 17.13
C THR B 73 -14.52 -2.25 15.81
N VAL B 74 -14.28 -3.11 14.83
CA VAL B 74 -14.86 -3.00 13.50
C VAL B 74 -15.25 -4.42 13.17
N ASN B 75 -16.48 -4.62 12.71
CA ASN B 75 -16.95 -5.96 12.36
C ASN B 75 -17.35 -6.06 10.89
N ILE B 76 -16.94 -7.14 10.24
CA ILE B 76 -17.33 -7.37 8.87
C ILE B 76 -18.49 -8.33 8.99
N ASP B 77 -19.25 -8.50 7.93
CA ASP B 77 -20.40 -9.38 7.96
C ASP B 77 -20.03 -10.84 8.27
N LYS B 78 -20.88 -11.50 9.04
CA LYS B 78 -20.64 -12.90 9.42
C LYS B 78 -20.52 -13.85 8.22
N ASN B 79 -20.97 -13.41 7.05
CA ASN B 79 -20.89 -14.26 5.86
C ASN B 79 -19.67 -13.92 5.02
N THR B 80 -18.77 -13.11 5.56
CA THR B 80 -17.57 -12.69 4.84
C THR B 80 -16.28 -12.90 5.64
N VAL B 81 -15.16 -12.86 4.93
CA VAL B 81 -13.83 -13.00 5.51
C VAL B 81 -12.92 -11.96 4.86
N PRO B 82 -11.87 -11.52 5.57
CA PRO B 82 -10.97 -10.53 4.98
C PRO B 82 -10.30 -11.10 3.73
N SER B 83 -9.90 -12.35 3.82
CA SER B 83 -9.24 -13.06 2.72
C SER B 83 -9.92 -14.39 2.46
N ASP B 84 -10.23 -14.67 1.20
CA ASP B 84 -10.88 -15.92 0.81
C ASP B 84 -9.90 -17.10 0.85
N LEU B 85 -8.76 -16.95 0.15
CA LEU B 85 -7.77 -18.03 0.07
C LEU B 85 -6.76 -18.16 1.20
N THR B 86 -6.70 -17.19 2.11
CA THR B 86 -5.75 -17.28 3.22
C THR B 86 -6.39 -16.92 4.55
N ASP B 87 -5.81 -17.44 5.63
CA ASP B 87 -6.33 -17.17 6.97
C ASP B 87 -5.35 -16.32 7.76
N SER B 88 -4.19 -16.09 7.17
CA SER B 88 -3.17 -15.28 7.79
C SER B 88 -2.98 -14.04 6.93
N PHE B 89 -3.11 -12.87 7.54
CA PHE B 89 -2.98 -11.62 6.81
C PHE B 89 -2.84 -10.47 7.78
N ALA B 90 -2.31 -9.35 7.29
CA ALA B 90 -2.12 -8.19 8.12
C ALA B 90 -3.21 -7.15 7.99
N ILE B 91 -3.78 -6.73 9.12
CA ILE B 91 -4.80 -5.70 9.13
C ILE B 91 -4.03 -4.39 8.99
N PRO B 92 -4.47 -3.49 8.10
CA PRO B 92 -3.75 -2.22 7.91
C PRO B 92 -3.64 -1.33 9.14
N LYS B 93 -2.48 -0.71 9.29
CA LYS B 93 -2.27 0.21 10.40
C LYS B 93 -2.94 1.51 9.98
N ILE B 94 -3.44 2.27 10.95
CA ILE B 94 -4.02 3.56 10.65
C ILE B 94 -2.86 4.53 10.82
N LYS B 95 -2.47 5.19 9.73
CA LYS B 95 -1.35 6.13 9.77
C LYS B 95 -1.76 7.52 9.28
N ASP B 96 -1.17 8.56 9.86
CA ASP B 96 -1.51 9.91 9.43
C ASP B 96 -0.65 10.30 8.24
N ASN B 97 -0.86 11.50 7.72
CA ASN B 97 -0.14 11.93 6.53
C ASN B 97 1.35 12.21 6.72
N SER B 98 1.86 12.04 7.95
CA SER B 98 3.29 12.23 8.21
C SER B 98 3.88 10.84 8.41
N GLY B 99 3.01 9.82 8.34
CA GLY B 99 3.46 8.45 8.51
C GLY B 99 3.34 7.90 9.92
N GLU B 100 3.02 8.76 10.88
CA GLU B 100 2.88 8.30 12.26
C GLU B 100 1.75 7.30 12.44
N ILE B 101 1.99 6.27 13.22
CA ILE B 101 0.98 5.24 13.46
C ILE B 101 -0.01 5.64 14.55
N ILE B 102 -1.29 5.69 14.19
CA ILE B 102 -2.36 6.06 15.11
C ILE B 102 -2.90 4.83 15.84
N ALA B 103 -2.99 3.72 15.13
CA ALA B 103 -3.51 2.49 15.71
C ALA B 103 -3.13 1.26 14.90
N THR B 104 -2.98 0.13 15.60
CA THR B 104 -2.64 -1.13 14.97
C THR B 104 -3.81 -2.07 15.21
N GLY B 105 -4.05 -2.98 14.27
CA GLY B 105 -5.18 -3.87 14.42
C GLY B 105 -4.90 -5.35 14.31
N THR B 106 -5.80 -6.13 14.89
CA THR B 106 -5.73 -7.58 14.86
C THR B 106 -7.10 -8.06 14.42
N TYR B 107 -7.16 -9.29 13.93
CA TYR B 107 -8.43 -9.84 13.47
C TYR B 107 -8.75 -11.19 14.10
N ASP B 108 -10.02 -11.38 14.45
CA ASP B 108 -10.51 -12.62 15.06
C ASP B 108 -11.58 -13.21 14.16
N ASN B 109 -11.28 -14.35 13.54
CA ASN B 109 -12.22 -14.97 12.61
C ASN B 109 -13.43 -15.66 13.23
N THR B 110 -13.37 -15.99 14.51
CA THR B 110 -14.52 -16.63 15.14
C THR B 110 -15.68 -15.65 15.22
N ASN B 111 -15.36 -14.37 15.38
CA ASN B 111 -16.40 -13.34 15.45
C ASN B 111 -16.34 -12.34 14.29
N LYS B 112 -15.42 -12.55 13.34
CA LYS B 112 -15.27 -11.66 12.19
C LYS B 112 -15.14 -10.23 12.67
N GLN B 113 -14.28 -10.02 13.66
CA GLN B 113 -14.09 -8.71 14.23
C GLN B 113 -12.64 -8.22 14.32
N ILE B 114 -12.43 -6.96 13.93
CA ILE B 114 -11.12 -6.34 13.99
C ILE B 114 -11.08 -5.49 15.25
N THR B 115 -9.95 -5.52 15.95
CA THR B 115 -9.79 -4.70 17.15
C THR B 115 -8.60 -3.77 16.93
N TYR B 116 -8.83 -2.47 16.98
CA TYR B 116 -7.75 -1.51 16.82
C TYR B 116 -7.32 -0.98 18.18
N THR B 117 -6.02 -0.95 18.40
CA THR B 117 -5.45 -0.46 19.65
C THR B 117 -4.73 0.85 19.36
N PHE B 118 -5.17 1.92 20.00
CA PHE B 118 -4.55 3.22 19.80
C PHE B 118 -3.18 3.32 20.43
N THR B 119 -2.29 4.04 19.76
CA THR B 119 -0.92 4.23 20.20
C THR B 119 -0.80 5.56 20.97
N ASP B 120 0.43 5.91 21.34
CA ASP B 120 0.69 7.15 22.06
C ASP B 120 0.24 8.35 21.25
N TYR B 121 -0.03 8.13 19.98
CA TYR B 121 -0.49 9.19 19.08
C TYR B 121 -1.71 9.93 19.67
N VAL B 122 -2.68 9.19 20.20
CA VAL B 122 -3.88 9.82 20.75
C VAL B 122 -3.61 10.68 21.98
N ASP B 123 -2.41 10.57 22.55
CA ASP B 123 -2.06 11.37 23.71
C ASP B 123 -1.19 12.57 23.33
N LYS B 124 -0.93 12.72 22.03
CA LYS B 124 -0.12 13.83 21.55
C LYS B 124 -0.92 14.76 20.64
N TYR B 125 -1.86 14.18 19.90
CA TYR B 125 -2.70 14.94 18.97
C TYR B 125 -4.15 15.01 19.42
N GLU B 126 -4.90 15.95 18.85
CA GLU B 126 -6.32 16.12 19.17
C GLU B 126 -7.16 16.23 17.91
N ASN B 127 -8.47 16.16 18.07
CA ASN B 127 -9.40 16.22 16.95
C ASN B 127 -9.02 15.18 15.89
N ILE B 128 -8.70 13.99 16.37
CA ILE B 128 -8.30 12.88 15.51
C ILE B 128 -9.46 12.30 14.73
N LYS B 129 -9.18 11.90 13.49
CA LYS B 129 -10.19 11.30 12.64
C LYS B 129 -9.49 10.26 11.81
N ALA B 130 -10.24 9.27 11.33
CA ALA B 130 -9.65 8.21 10.52
C ALA B 130 -10.63 7.70 9.49
N HIS B 131 -10.06 7.13 8.43
CA HIS B 131 -10.85 6.56 7.34
C HIS B 131 -10.31 5.19 7.02
N LEU B 132 -11.20 4.19 7.08
CA LEU B 132 -10.80 2.83 6.78
C LEU B 132 -11.47 2.37 5.49
N LYS B 133 -10.71 1.66 4.66
CA LYS B 133 -11.24 1.09 3.42
C LYS B 133 -10.80 -0.36 3.49
N LEU B 134 -11.73 -1.23 3.88
CA LEU B 134 -11.44 -2.64 4.07
C LEU B 134 -12.09 -3.56 3.06
N THR B 135 -11.27 -4.40 2.43
CA THR B 135 -11.76 -5.36 1.46
C THR B 135 -12.20 -6.62 2.19
N SER B 136 -13.07 -7.39 1.56
CA SER B 136 -13.56 -8.64 2.14
C SER B 136 -14.15 -9.47 1.03
N TYR B 137 -14.29 -10.77 1.28
CA TYR B 137 -14.86 -11.67 0.30
C TYR B 137 -15.90 -12.57 0.95
N ILE B 138 -16.75 -13.17 0.12
CA ILE B 138 -17.76 -14.08 0.64
C ILE B 138 -17.02 -15.25 1.27
N ASP B 139 -17.48 -15.66 2.45
CA ASP B 139 -16.91 -16.78 3.18
C ASP B 139 -17.66 -18.01 2.66
N LYS B 140 -17.02 -18.74 1.75
CA LYS B 140 -17.64 -19.92 1.15
C LYS B 140 -18.14 -20.96 2.16
N SER B 141 -17.53 -21.03 3.34
CA SER B 141 -17.97 -21.98 4.35
C SER B 141 -19.37 -21.65 4.83
N LYS B 142 -19.71 -20.36 4.76
CA LYS B 142 -21.02 -19.88 5.20
C LYS B 142 -22.03 -19.79 4.05
N VAL B 143 -21.53 -19.82 2.81
CA VAL B 143 -22.40 -19.70 1.65
C VAL B 143 -22.11 -20.76 0.60
N PRO B 144 -22.50 -22.00 0.87
CA PRO B 144 -22.26 -23.07 -0.10
C PRO B 144 -23.07 -23.01 -1.39
N ASN B 145 -24.25 -22.39 -1.32
CA ASN B 145 -25.15 -22.36 -2.46
C ASN B 145 -25.20 -21.14 -3.34
N ASN B 146 -25.48 -21.38 -4.62
CA ASN B 146 -25.60 -20.31 -5.58
C ASN B 146 -26.89 -19.53 -5.32
N ASN B 147 -26.93 -18.29 -5.78
CA ASN B 147 -28.09 -17.44 -5.59
C ASN B 147 -28.55 -17.38 -4.15
N THR B 148 -27.62 -17.13 -3.25
CA THR B 148 -27.96 -17.01 -1.84
C THR B 148 -28.09 -15.52 -1.53
N LYS B 149 -29.31 -15.12 -1.14
CA LYS B 149 -29.57 -13.72 -0.81
C LYS B 149 -29.05 -13.40 0.58
N LEU B 150 -28.20 -12.37 0.68
CA LEU B 150 -27.63 -11.98 1.97
C LEU B 150 -27.83 -10.51 2.28
N ASP B 151 -28.17 -10.23 3.54
CA ASP B 151 -28.34 -8.87 4.00
C ASP B 151 -27.08 -8.68 4.83
N VAL B 152 -26.00 -8.26 4.17
CA VAL B 152 -24.72 -8.09 4.85
C VAL B 152 -24.64 -6.81 5.66
N GLU B 153 -24.04 -6.94 6.84
CA GLU B 153 -23.91 -5.82 7.76
C GLU B 153 -22.47 -5.64 8.24
N TYR B 154 -21.99 -4.40 8.17
CA TYR B 154 -20.65 -4.06 8.63
C TYR B 154 -20.83 -3.01 9.73
N LYS B 155 -19.94 -3.05 10.72
CA LYS B 155 -20.04 -2.14 11.83
C LYS B 155 -18.72 -1.56 12.30
N THR B 156 -18.78 -0.36 12.85
CA THR B 156 -17.62 0.31 13.41
C THR B 156 -18.12 0.95 14.70
N ALA B 157 -17.54 0.54 15.82
CA ALA B 157 -17.96 1.07 17.11
C ALA B 157 -19.44 0.76 17.28
N LEU B 158 -20.26 1.79 17.53
CA LEU B 158 -21.69 1.60 17.73
C LEU B 158 -22.55 1.87 16.49
N SER B 159 -21.90 2.04 15.34
CA SER B 159 -22.62 2.31 14.11
C SER B 159 -22.55 1.14 13.14
N SER B 160 -23.61 0.97 12.34
CA SER B 160 -23.66 -0.12 11.39
C SER B 160 -24.30 0.30 10.08
N VAL B 161 -23.98 -0.44 9.03
CA VAL B 161 -24.53 -0.18 7.71
C VAL B 161 -24.77 -1.54 7.07
N ASN B 162 -25.82 -1.65 6.26
CA ASN B 162 -26.13 -2.92 5.63
C ASN B 162 -26.47 -2.77 4.16
N LYS B 163 -26.36 -3.87 3.43
CA LYS B 163 -26.64 -3.89 1.99
C LYS B 163 -27.09 -5.30 1.65
N THR B 164 -28.12 -5.40 0.83
CA THR B 164 -28.59 -6.73 0.45
C THR B 164 -28.02 -7.06 -0.92
N ILE B 165 -27.40 -8.23 -1.02
CA ILE B 165 -26.81 -8.70 -2.26
C ILE B 165 -27.09 -10.18 -2.42
N THR B 166 -26.90 -10.67 -3.64
CA THR B 166 -27.11 -12.08 -3.91
C THR B 166 -25.77 -12.63 -4.37
N VAL B 167 -25.36 -13.74 -3.78
CA VAL B 167 -24.09 -14.36 -4.15
C VAL B 167 -24.34 -15.30 -5.33
N GLU B 168 -23.57 -15.11 -6.39
CA GLU B 168 -23.69 -15.95 -7.58
C GLU B 168 -22.39 -16.71 -7.81
N TYR B 169 -22.49 -18.02 -7.98
CA TYR B 169 -21.32 -18.86 -8.23
C TYR B 169 -21.33 -19.31 -9.71
N GLN B 170 -20.19 -19.81 -10.17
CA GLN B 170 -20.03 -20.25 -11.55
C GLN B 170 -20.77 -21.54 -11.91
N LYS B 171 -20.77 -21.87 -13.20
CA LYS B 171 -21.43 -23.08 -13.69
C LYS B 171 -20.39 -23.88 -14.48
N PRO B 172 -20.65 -25.18 -14.69
CA PRO B 172 -19.73 -26.04 -15.43
C PRO B 172 -19.58 -25.65 -16.90
N ASN B 173 -18.42 -25.94 -17.47
CA ASN B 173 -18.21 -25.67 -18.89
C ASN B 173 -18.56 -27.04 -19.47
N GLU B 174 -19.37 -27.03 -20.53
CA GLU B 174 -19.88 -28.26 -21.14
C GLU B 174 -19.59 -28.43 -22.62
N ASN B 175 -19.43 -29.67 -23.05
CA ASN B 175 -19.20 -30.00 -24.46
C ASN B 175 -19.53 -31.49 -24.55
N ARG B 176 -20.78 -31.79 -24.91
CA ARG B 176 -21.24 -33.17 -24.99
C ARG B 176 -21.10 -33.75 -23.58
N THR B 177 -20.50 -34.93 -23.44
CA THR B 177 -20.35 -35.52 -22.10
C THR B 177 -19.24 -34.91 -21.26
N ALA B 178 -18.34 -34.15 -21.90
CA ALA B 178 -17.25 -33.50 -21.19
C ALA B 178 -17.86 -32.33 -20.41
N ASN B 179 -17.60 -32.28 -19.11
CA ASN B 179 -18.12 -31.19 -18.29
C ASN B 179 -17.34 -31.08 -16.99
N LEU B 180 -16.96 -29.85 -16.63
CA LEU B 180 -16.20 -29.61 -15.41
C LEU B 180 -16.20 -28.14 -15.00
N GLN B 181 -15.62 -27.88 -13.85
CA GLN B 181 -15.44 -26.52 -13.34
C GLN B 181 -14.34 -26.60 -12.28
N SER B 182 -13.73 -25.47 -11.97
CA SER B 182 -12.65 -25.46 -10.99
C SER B 182 -12.50 -24.10 -10.34
N MET B 183 -11.86 -24.09 -9.17
CA MET B 183 -11.62 -22.86 -8.42
C MET B 183 -10.40 -23.04 -7.54
N PHE B 184 -9.60 -21.98 -7.39
CA PHE B 184 -8.44 -22.04 -6.50
C PHE B 184 -9.09 -21.92 -5.12
N THR B 185 -8.66 -22.74 -4.17
CA THR B 185 -9.26 -22.70 -2.84
C THR B 185 -8.28 -22.38 -1.72
N ASN B 186 -7.03 -22.15 -2.10
CA ASN B 186 -6.00 -21.77 -1.14
C ASN B 186 -4.72 -21.34 -1.84
N ILE B 187 -3.96 -20.51 -1.15
CA ILE B 187 -2.65 -20.09 -1.63
C ILE B 187 -1.77 -19.98 -0.39
N ASP B 188 -0.58 -20.56 -0.48
CA ASP B 188 0.39 -20.54 0.59
C ASP B 188 1.54 -19.70 0.07
N THR B 189 1.63 -18.46 0.52
CA THR B 189 2.67 -17.55 0.04
C THR B 189 4.02 -17.77 0.71
N LYS B 190 4.07 -18.72 1.63
CA LYS B 190 5.33 -19.03 2.32
C LYS B 190 6.02 -20.16 1.54
N ASN B 191 5.28 -21.23 1.30
CA ASN B 191 5.82 -22.38 0.57
C ASN B 191 5.60 -22.21 -0.94
N HIS B 192 4.86 -21.17 -1.31
CA HIS B 192 4.57 -20.86 -2.70
C HIS B 192 3.81 -21.92 -3.48
N THR B 193 2.61 -22.23 -3.01
CA THR B 193 1.77 -23.20 -3.68
C THR B 193 0.34 -22.67 -3.76
N VAL B 194 -0.45 -23.24 -4.67
CA VAL B 194 -1.85 -22.89 -4.79
C VAL B 194 -2.58 -24.21 -4.76
N GLU B 195 -3.85 -24.16 -4.37
CA GLU B 195 -4.66 -25.35 -4.29
C GLU B 195 -5.84 -25.18 -5.23
N GLN B 196 -6.04 -26.14 -6.12
CA GLN B 196 -7.16 -26.07 -7.06
C GLN B 196 -8.11 -27.21 -6.77
N THR B 197 -9.39 -26.86 -6.64
CA THR B 197 -10.44 -27.84 -6.38
C THR B 197 -11.17 -27.94 -7.71
N ILE B 198 -11.13 -29.13 -8.30
CA ILE B 198 -11.76 -29.37 -9.59
C ILE B 198 -12.95 -30.32 -9.50
N TYR B 199 -14.05 -29.95 -10.15
CA TYR B 199 -15.24 -30.80 -10.18
C TYR B 199 -15.26 -31.45 -11.56
N ILE B 200 -15.13 -32.77 -11.58
CA ILE B 200 -15.16 -33.53 -12.82
C ILE B 200 -16.51 -34.22 -12.98
N ASN B 201 -17.19 -33.95 -14.09
CA ASN B 201 -18.49 -34.55 -14.36
C ASN B 201 -19.54 -34.21 -13.29
N PRO B 202 -19.65 -32.94 -12.89
CA PRO B 202 -20.65 -32.60 -11.87
C PRO B 202 -22.08 -32.75 -12.39
N LEU B 203 -22.23 -32.84 -13.71
CA LEU B 203 -23.56 -32.97 -14.31
C LEU B 203 -23.99 -34.44 -14.41
N ARG B 204 -23.13 -35.32 -13.94
CA ARG B 204 -23.41 -36.76 -13.95
C ARG B 204 -23.77 -37.31 -15.32
N TYR B 205 -22.98 -36.95 -16.33
CA TYR B 205 -23.22 -37.47 -17.67
C TYR B 205 -22.46 -38.79 -17.75
N SER B 206 -22.74 -39.58 -18.78
CA SER B 206 -22.05 -40.85 -18.95
C SER B 206 -20.84 -40.56 -19.83
N ALA B 207 -19.79 -40.04 -19.20
CA ALA B 207 -18.56 -39.67 -19.90
C ALA B 207 -17.64 -40.86 -20.14
N LYS B 208 -17.48 -41.24 -21.40
CA LYS B 208 -16.65 -42.37 -21.77
C LYS B 208 -15.18 -42.02 -21.98
N GLU B 209 -14.30 -42.94 -21.60
CA GLU B 209 -12.86 -42.78 -21.75
C GLU B 209 -12.39 -41.41 -21.29
N THR B 210 -12.85 -41.00 -20.12
CA THR B 210 -12.51 -39.70 -19.57
C THR B 210 -11.05 -39.51 -19.18
N ASN B 211 -10.46 -38.42 -19.64
CA ASN B 211 -9.10 -38.06 -19.31
C ASN B 211 -9.12 -36.61 -18.86
N VAL B 212 -8.36 -36.31 -17.82
CA VAL B 212 -8.31 -34.96 -17.31
C VAL B 212 -6.86 -34.49 -17.34
N ASN B 213 -6.63 -33.36 -18.00
CA ASN B 213 -5.29 -32.83 -18.09
C ASN B 213 -5.23 -31.54 -17.30
N ILE B 214 -4.23 -31.45 -16.43
CA ILE B 214 -4.01 -30.26 -15.61
C ILE B 214 -2.70 -29.66 -16.10
N SER B 215 -2.78 -28.41 -16.57
CA SER B 215 -1.61 -27.74 -17.12
C SER B 215 -1.26 -26.43 -16.44
N GLY B 216 0.04 -26.23 -16.25
CA GLY B 216 0.53 -25.00 -15.64
C GLY B 216 0.86 -23.96 -16.70
N ASN B 217 0.60 -24.29 -17.95
CA ASN B 217 0.86 -23.39 -19.08
C ASN B 217 -0.42 -22.62 -19.41
N GLY B 218 -0.63 -21.50 -18.74
CA GLY B 218 -1.84 -20.74 -18.98
C GLY B 218 -1.70 -19.68 -20.05
N ASP B 219 -2.84 -19.20 -20.52
CA ASP B 219 -2.91 -18.16 -21.55
C ASP B 219 -2.42 -16.81 -21.02
N GLU B 220 -2.62 -16.56 -19.73
CA GLU B 220 -2.20 -15.28 -19.13
C GLU B 220 -1.49 -15.49 -17.80
N GLY B 221 -0.96 -16.68 -17.58
CA GLY B 221 -0.27 -16.96 -16.33
C GLY B 221 0.20 -18.39 -16.29
N SER B 222 0.68 -18.83 -15.13
CA SER B 222 1.17 -20.20 -15.03
C SER B 222 1.40 -20.67 -13.60
N THR B 223 1.63 -21.97 -13.48
CA THR B 223 1.93 -22.65 -12.23
C THR B 223 3.01 -23.66 -12.61
N ILE B 224 3.45 -24.47 -11.66
CA ILE B 224 4.49 -25.47 -11.93
C ILE B 224 3.97 -26.87 -11.65
N ILE B 225 3.86 -27.68 -12.70
CA ILE B 225 3.39 -29.06 -12.56
C ILE B 225 4.55 -30.02 -12.75
N ASP B 226 4.79 -30.88 -11.77
CA ASP B 226 5.89 -31.83 -11.85
C ASP B 226 5.74 -32.92 -10.79
N ASP B 227 6.83 -33.61 -10.49
CA ASP B 227 6.80 -34.69 -9.49
C ASP B 227 6.33 -34.24 -8.11
N SER B 228 6.60 -32.98 -7.77
CA SER B 228 6.22 -32.45 -6.46
C SER B 228 4.72 -32.16 -6.35
N THR B 229 4.05 -32.05 -7.49
CA THR B 229 2.61 -31.77 -7.51
C THR B 229 1.84 -32.86 -6.77
N ILE B 230 0.98 -32.43 -5.84
CA ILE B 230 0.17 -33.37 -5.06
C ILE B 230 -1.25 -33.41 -5.60
N ILE B 231 -1.73 -34.61 -5.90
CA ILE B 231 -3.07 -34.80 -6.44
C ILE B 231 -3.87 -35.84 -5.66
N LYS B 232 -5.08 -35.47 -5.28
CA LYS B 232 -5.99 -36.36 -4.56
C LYS B 232 -7.28 -36.38 -5.36
N VAL B 233 -7.93 -37.54 -5.40
CA VAL B 233 -9.18 -37.71 -6.14
C VAL B 233 -10.24 -38.35 -5.26
N TYR B 234 -11.43 -37.75 -5.24
CA TYR B 234 -12.52 -38.26 -4.43
C TYR B 234 -13.75 -38.51 -5.31
N LYS B 235 -14.51 -39.54 -4.95
CA LYS B 235 -15.72 -39.88 -5.69
C LYS B 235 -16.93 -39.36 -4.93
N VAL B 236 -17.87 -38.75 -5.64
CA VAL B 236 -19.09 -38.21 -5.03
C VAL B 236 -20.19 -39.25 -5.08
N GLY B 237 -20.77 -39.57 -3.92
CA GLY B 237 -21.84 -40.56 -3.85
C GLY B 237 -23.09 -40.21 -4.63
N ASP B 238 -23.95 -41.21 -4.85
CA ASP B 238 -25.17 -41.02 -5.62
C ASP B 238 -26.15 -40.03 -4.98
N ASN B 239 -26.21 -40.04 -3.65
CA ASN B 239 -27.11 -39.16 -2.93
C ASN B 239 -26.36 -37.97 -2.37
N GLN B 240 -25.21 -37.69 -2.96
CA GLN B 240 -24.38 -36.59 -2.51
C GLN B 240 -24.34 -35.47 -3.56
N ASN B 241 -24.40 -34.23 -3.08
CA ASN B 241 -24.33 -33.07 -3.97
C ASN B 241 -23.20 -32.12 -3.56
N LEU B 242 -22.36 -31.77 -4.53
CA LEU B 242 -21.23 -30.88 -4.31
C LEU B 242 -21.72 -29.45 -4.08
N PRO B 243 -21.00 -28.68 -3.23
CA PRO B 243 -21.35 -27.29 -2.93
C PRO B 243 -21.08 -26.40 -4.14
N ASP B 244 -22.02 -25.55 -4.50
CA ASP B 244 -21.84 -24.65 -5.64
C ASP B 244 -20.62 -23.75 -5.43
N SER B 245 -20.23 -23.56 -4.17
CA SER B 245 -19.09 -22.72 -3.82
C SER B 245 -17.78 -23.24 -4.41
N ASN B 246 -17.78 -24.50 -4.85
CA ASN B 246 -16.60 -25.11 -5.44
C ASN B 246 -15.47 -25.22 -4.41
N ARG B 247 -15.84 -25.31 -3.14
CA ARG B 247 -14.85 -25.47 -2.08
C ARG B 247 -15.32 -26.50 -1.06
N ILE B 248 -14.45 -27.44 -0.75
CA ILE B 248 -14.73 -28.51 0.19
C ILE B 248 -14.06 -28.23 1.53
N TYR B 249 -14.87 -28.11 2.59
CA TYR B 249 -14.31 -27.84 3.90
C TYR B 249 -14.07 -29.08 4.75
N ASP B 250 -14.57 -30.23 4.29
CA ASP B 250 -14.37 -31.48 5.02
C ASP B 250 -14.34 -32.63 4.02
N TYR B 251 -13.13 -32.99 3.58
CA TYR B 251 -12.99 -34.06 2.61
C TYR B 251 -13.31 -35.45 3.17
N SER B 252 -13.44 -35.56 4.48
CA SER B 252 -13.73 -36.86 5.07
C SER B 252 -15.16 -37.28 4.70
N GLU B 253 -15.91 -36.33 4.14
CA GLU B 253 -17.28 -36.59 3.73
C GLU B 253 -17.35 -37.29 2.38
N TYR B 254 -16.22 -37.33 1.67
CA TYR B 254 -16.18 -37.98 0.36
C TYR B 254 -15.24 -39.17 0.33
N GLU B 255 -15.54 -40.11 -0.57
CA GLU B 255 -14.73 -41.31 -0.71
C GLU B 255 -13.43 -41.02 -1.45
N ASP B 256 -12.32 -41.31 -0.80
CA ASP B 256 -11.00 -41.10 -1.38
C ASP B 256 -10.66 -42.27 -2.31
N VAL B 257 -10.58 -42.00 -3.61
CA VAL B 257 -10.26 -43.03 -4.59
C VAL B 257 -8.92 -42.76 -5.24
N THR B 258 -8.08 -41.95 -4.59
CA THR B 258 -6.77 -41.61 -5.13
C THR B 258 -5.94 -42.85 -5.45
N ASN B 259 -5.33 -42.83 -6.63
CA ASN B 259 -4.48 -43.92 -7.08
C ASN B 259 -3.47 -43.32 -8.05
N ASP B 260 -2.25 -43.11 -7.54
CA ASP B 260 -1.17 -42.52 -8.33
C ASP B 260 -0.91 -43.26 -9.63
N ASP B 261 -1.35 -44.51 -9.70
CA ASP B 261 -1.16 -45.32 -10.90
C ASP B 261 -1.81 -44.68 -12.11
N TYR B 262 -2.95 -44.03 -11.90
CA TYR B 262 -3.70 -43.42 -12.99
C TYR B 262 -3.38 -41.96 -13.27
N ALA B 263 -2.30 -41.49 -12.65
CA ALA B 263 -1.86 -40.12 -12.84
C ALA B 263 -0.46 -40.21 -13.43
N GLN B 264 -0.21 -39.46 -14.50
CA GLN B 264 1.10 -39.47 -15.15
C GLN B 264 1.40 -38.10 -15.74
N LEU B 265 2.62 -37.62 -15.51
CA LEU B 265 3.00 -36.32 -16.04
C LEU B 265 2.90 -36.33 -17.55
N GLY B 266 2.59 -35.17 -18.11
CA GLY B 266 2.49 -35.04 -19.55
C GLY B 266 3.83 -34.57 -20.08
N ASN B 267 3.90 -34.20 -21.36
CA ASN B 267 5.16 -33.74 -21.93
C ASN B 267 5.38 -32.23 -21.94
N ASN B 268 4.56 -31.48 -21.19
CA ASN B 268 4.72 -30.03 -21.16
C ASN B 268 4.06 -29.37 -19.94
N ASN B 269 4.77 -29.38 -18.81
CA ASN B 269 4.29 -28.74 -17.58
C ASN B 269 2.83 -29.11 -17.31
N ASP B 270 2.53 -30.40 -17.37
CA ASP B 270 1.16 -30.86 -17.15
C ASP B 270 1.12 -32.28 -16.61
N VAL B 271 -0.09 -32.73 -16.26
CA VAL B 271 -0.29 -34.06 -15.73
C VAL B 271 -1.64 -34.58 -16.25
N ASN B 272 -1.70 -35.89 -16.52
CA ASN B 272 -2.90 -36.49 -17.04
C ASN B 272 -3.47 -37.52 -16.06
N ILE B 273 -4.79 -37.48 -15.88
CA ILE B 273 -5.45 -38.40 -14.96
C ILE B 273 -6.50 -39.19 -15.73
N ASN B 274 -6.33 -40.51 -15.78
CA ASN B 274 -7.27 -41.35 -16.49
C ASN B 274 -8.40 -41.80 -15.57
N PHE B 275 -9.63 -41.39 -15.91
CA PHE B 275 -10.79 -41.75 -15.13
C PHE B 275 -11.56 -42.91 -15.77
N GLY B 276 -11.38 -43.09 -17.08
CA GLY B 276 -12.09 -44.15 -17.78
C GLY B 276 -13.56 -43.81 -17.94
N ASN B 277 -14.41 -44.82 -18.05
CA ASN B 277 -15.84 -44.58 -18.20
C ASN B 277 -16.45 -44.26 -16.83
N ILE B 278 -17.11 -43.11 -16.73
CA ILE B 278 -17.73 -42.71 -15.47
C ILE B 278 -19.09 -42.08 -15.70
N ASP B 279 -19.88 -41.98 -14.64
CA ASP B 279 -21.18 -41.35 -14.70
C ASP B 279 -21.46 -40.62 -13.39
N SER B 280 -20.48 -40.63 -12.50
CA SER B 280 -20.59 -39.96 -11.21
C SER B 280 -19.62 -38.78 -11.18
N PRO B 281 -19.84 -37.82 -10.26
CA PRO B 281 -18.96 -36.65 -10.14
C PRO B 281 -17.74 -37.03 -9.33
N TYR B 282 -16.62 -36.35 -9.58
CA TYR B 282 -15.39 -36.58 -8.83
C TYR B 282 -14.78 -35.24 -8.48
N ILE B 283 -14.02 -35.20 -7.40
CA ILE B 283 -13.35 -33.98 -6.98
C ILE B 283 -11.85 -34.23 -7.09
N ILE B 284 -11.13 -33.31 -7.69
CA ILE B 284 -9.69 -33.46 -7.76
C ILE B 284 -9.11 -32.28 -6.99
N LYS B 285 -8.30 -32.57 -5.99
CA LYS B 285 -7.66 -31.53 -5.19
C LYS B 285 -6.20 -31.56 -5.60
N VAL B 286 -5.75 -30.47 -6.23
CA VAL B 286 -4.39 -30.37 -6.70
C VAL B 286 -3.61 -29.28 -6.00
N ILE B 287 -2.41 -29.62 -5.51
CA ILE B 287 -1.57 -28.63 -4.87
C ILE B 287 -0.34 -28.51 -5.75
N SER B 288 -0.16 -27.35 -6.36
CA SER B 288 0.97 -27.12 -7.25
C SER B 288 1.77 -25.90 -6.83
N LYS B 289 3.02 -25.85 -7.25
CA LYS B 289 3.90 -24.73 -6.93
C LYS B 289 3.71 -23.61 -7.95
N TYR B 290 4.10 -22.40 -7.57
CA TYR B 290 4.04 -21.27 -8.49
C TYR B 290 5.37 -20.54 -8.38
N ASP B 291 5.71 -19.77 -9.41
CA ASP B 291 6.96 -19.02 -9.44
C ASP B 291 6.81 -17.76 -8.59
N PRO B 292 7.48 -17.73 -7.43
CA PRO B 292 7.44 -16.60 -6.49
C PRO B 292 8.14 -15.32 -6.93
N ASN B 293 8.78 -15.34 -8.09
CA ASN B 293 9.50 -14.16 -8.54
C ASN B 293 8.87 -13.42 -9.71
N LYS B 294 7.58 -13.63 -9.93
CA LYS B 294 6.87 -12.96 -11.03
C LYS B 294 6.44 -11.55 -10.66
N ASP B 295 6.35 -11.30 -9.36
CA ASP B 295 5.94 -10.00 -8.83
C ASP B 295 4.57 -9.57 -9.33
N ASP B 296 3.67 -10.51 -9.52
CA ASP B 296 2.30 -10.25 -9.94
C ASP B 296 1.50 -11.51 -9.69
N TYR B 297 0.76 -11.52 -8.59
CA TYR B 297 -0.04 -12.68 -8.23
C TYR B 297 -1.07 -13.08 -9.28
N THR B 298 -1.54 -12.12 -10.07
CA THR B 298 -2.53 -12.45 -11.08
C THR B 298 -1.92 -13.24 -12.25
N THR B 299 -0.62 -13.48 -12.19
CA THR B 299 0.03 -14.27 -13.24
C THR B 299 0.08 -15.74 -12.85
N ILE B 300 -0.60 -16.08 -11.76
CA ILE B 300 -0.68 -17.46 -11.30
C ILE B 300 -1.98 -18.02 -11.88
N GLN B 301 -1.86 -18.89 -12.88
CA GLN B 301 -3.02 -19.48 -13.55
C GLN B 301 -2.82 -20.96 -13.84
N GLN B 302 -3.86 -21.76 -13.60
CA GLN B 302 -3.79 -23.19 -13.85
C GLN B 302 -5.00 -23.58 -14.69
N THR B 303 -4.75 -24.40 -15.71
CA THR B 303 -5.80 -24.82 -16.64
C THR B 303 -6.11 -26.31 -16.57
N VAL B 304 -7.39 -26.64 -16.69
CA VAL B 304 -7.83 -28.03 -16.63
C VAL B 304 -8.67 -28.35 -17.86
N THR B 305 -8.45 -29.53 -18.43
CA THR B 305 -9.19 -29.94 -19.61
C THR B 305 -9.72 -31.36 -19.45
N MET B 306 -11.02 -31.52 -19.65
CA MET B 306 -11.61 -32.85 -19.58
C MET B 306 -11.91 -33.30 -21.00
N GLN B 307 -11.46 -34.50 -21.34
CA GLN B 307 -11.69 -35.05 -22.67
C GLN B 307 -12.48 -36.36 -22.58
N THR B 308 -13.47 -36.50 -23.45
CA THR B 308 -14.28 -37.71 -23.48
C THR B 308 -14.50 -38.16 -24.91
N THR B 309 -14.69 -39.48 -25.08
CA THR B 309 -14.93 -40.05 -26.39
C THR B 309 -16.43 -40.11 -26.61
N ILE B 310 -16.89 -39.55 -27.73
CA ILE B 310 -18.31 -39.53 -28.03
C ILE B 310 -18.69 -40.53 -29.11
N ASN B 311 -17.68 -41.21 -29.67
CA ASN B 311 -17.89 -42.22 -30.70
C ASN B 311 -16.81 -43.28 -30.52
N GLU B 312 -17.20 -44.41 -29.95
CA GLU B 312 -16.27 -45.50 -29.70
C GLU B 312 -15.71 -46.13 -30.97
N TYR B 313 -16.48 -46.08 -32.05
CA TYR B 313 -16.06 -46.66 -33.32
C TYR B 313 -14.96 -45.87 -34.03
N THR B 314 -15.01 -44.55 -33.90
CA THR B 314 -14.02 -43.70 -34.55
C THR B 314 -13.08 -43.07 -33.54
N GLY B 315 -13.51 -43.04 -32.28
CA GLY B 315 -12.69 -42.46 -31.23
C GLY B 315 -12.82 -40.94 -31.21
N GLU B 316 -13.75 -40.40 -31.99
CA GLU B 316 -13.96 -38.96 -32.02
C GLU B 316 -14.19 -38.51 -30.58
N PHE B 317 -13.54 -37.43 -30.18
CA PHE B 317 -13.68 -36.93 -28.81
C PHE B 317 -14.06 -35.45 -28.72
N ARG B 318 -14.35 -35.03 -27.50
CA ARG B 318 -14.72 -33.64 -27.22
C ARG B 318 -13.96 -33.23 -25.97
N THR B 319 -13.70 -31.93 -25.82
CA THR B 319 -13.01 -31.45 -24.64
C THR B 319 -13.72 -30.22 -24.10
N ALA B 320 -13.56 -30.02 -22.80
CA ALA B 320 -14.15 -28.88 -22.12
C ALA B 320 -13.04 -28.43 -21.18
N SER B 321 -12.78 -27.14 -21.15
CA SER B 321 -11.73 -26.62 -20.30
C SER B 321 -12.20 -25.57 -19.30
N TYR B 322 -11.34 -25.31 -18.33
CA TYR B 322 -11.60 -24.34 -17.28
C TYR B 322 -10.24 -23.89 -16.79
N ASP B 323 -10.16 -22.65 -16.31
CA ASP B 323 -8.90 -22.17 -15.77
C ASP B 323 -9.21 -21.22 -14.63
N ASN B 324 -8.24 -21.07 -13.74
CA ASN B 324 -8.38 -20.19 -12.59
C ASN B 324 -7.18 -19.29 -12.48
N THR B 325 -7.42 -18.07 -12.01
CA THR B 325 -6.37 -17.09 -11.82
C THR B 325 -6.46 -16.54 -10.42
N ILE B 326 -5.31 -16.32 -9.78
CA ILE B 326 -5.30 -15.77 -8.44
C ILE B 326 -5.67 -14.30 -8.52
N ALA B 327 -6.42 -13.83 -7.52
CA ALA B 327 -6.83 -12.43 -7.45
C ALA B 327 -6.54 -11.94 -6.05
N PHE B 328 -6.48 -10.62 -5.89
CA PHE B 328 -6.24 -10.04 -4.58
C PHE B 328 -6.68 -8.59 -4.53
N SER B 329 -6.85 -8.11 -3.31
CA SER B 329 -7.25 -6.74 -3.08
C SER B 329 -6.55 -6.28 -1.82
N THR B 330 -6.59 -4.98 -1.54
CA THR B 330 -5.91 -4.44 -0.37
C THR B 330 -6.84 -3.61 0.51
N SER B 331 -6.36 -3.27 1.70
CA SER B 331 -7.12 -2.45 2.64
C SER B 331 -6.20 -1.34 3.13
N SER B 332 -6.79 -0.22 3.54
CA SER B 332 -5.98 0.90 4.02
C SER B 332 -6.60 1.59 5.22
N GLY B 333 -5.75 2.30 5.97
CA GLY B 333 -6.22 3.02 7.13
C GLY B 333 -5.50 4.36 7.20
N GLN B 334 -6.23 5.44 6.95
CA GLN B 334 -5.62 6.76 7.00
C GLN B 334 -6.26 7.63 8.06
N GLY B 335 -5.44 8.37 8.79
CA GLY B 335 -5.98 9.22 9.84
C GLY B 335 -5.37 10.60 9.84
N GLN B 336 -5.91 11.46 10.68
CA GLN B 336 -5.42 12.82 10.79
C GLN B 336 -5.58 13.33 12.22
N GLY B 337 -4.70 14.24 12.60
CA GLY B 337 -4.75 14.80 13.94
C GLY B 337 -4.04 16.13 14.01
N ASP B 338 -4.51 17.01 14.88
CA ASP B 338 -3.90 18.33 15.03
C ASP B 338 -3.00 18.37 16.25
N LEU B 339 -1.82 18.97 16.10
CA LEU B 339 -0.92 19.10 17.24
C LEU B 339 -1.53 20.24 18.06
N PRO B 340 -1.64 20.06 19.38
CA PRO B 340 -2.22 21.11 20.23
C PRO B 340 -1.52 22.45 20.10
N GLY C 4 7.81 2.15 -2.17
CA GLY C 4 6.63 3.00 -2.55
C GLY C 4 6.38 4.09 -1.53
N PHE C 5 7.44 4.57 -0.91
CA PHE C 5 7.31 5.62 0.09
C PHE C 5 7.91 6.94 -0.38
N PHE C 6 7.23 8.04 -0.08
CA PHE C 6 7.72 9.38 -0.45
C PHE C 6 8.03 10.10 0.86
N PHE C 7 9.28 10.52 0.99
CA PHE C 7 9.80 11.14 2.20
C PHE C 7 9.93 12.66 2.32
N SER C 8 9.83 13.12 3.57
CA SER C 8 10.01 14.51 3.94
C SER C 8 10.40 14.46 5.43
N ALA C 9 10.35 15.59 6.11
CA ALA C 9 10.72 15.60 7.52
C ALA C 9 10.08 16.75 8.30
N ARG C 10 9.95 16.55 9.61
CA ARG C 10 9.38 17.53 10.50
C ARG C 10 10.45 18.17 11.37
N GLY C 11 10.13 19.35 11.90
CA GLY C 11 11.04 20.06 12.78
C GLY C 11 10.29 20.32 14.08
N HIS C 12 11.00 20.32 15.20
CA HIS C 12 10.40 20.54 16.50
C HIS C 12 11.28 21.40 17.40
N ARG C 13 10.65 22.30 18.15
CA ARG C 13 11.39 23.19 19.06
C ARG C 13 11.05 22.97 20.55
N PRO C 14 11.99 22.36 21.32
CA PRO C 14 11.79 22.11 22.76
C PRO C 14 12.08 23.45 23.49
N GLY D 4 0.30 -6.88 2.51
CA GLY D 4 -1.14 -6.71 2.91
C GLY D 4 -2.06 -7.21 1.82
N PHE D 5 -1.84 -8.43 1.36
CA PHE D 5 -2.71 -8.95 0.34
C PHE D 5 -3.76 -9.87 0.90
N PHE D 6 -4.96 -9.69 0.37
CA PHE D 6 -6.15 -10.43 0.74
C PHE D 6 -6.50 -11.12 -0.56
N PHE D 7 -6.50 -12.45 -0.53
CA PHE D 7 -6.71 -13.23 -1.74
C PHE D 7 -8.04 -13.94 -2.02
N SER D 8 -8.31 -14.09 -3.30
CA SER D 8 -9.45 -14.83 -3.80
C SER D 8 -9.03 -15.35 -5.16
N ALA D 9 -9.97 -15.84 -5.95
CA ALA D 9 -9.63 -16.36 -7.27
C ALA D 9 -10.76 -16.24 -8.26
N ARG D 10 -10.39 -16.21 -9.53
CA ARG D 10 -11.32 -16.12 -10.64
C ARG D 10 -11.43 -17.44 -11.38
N GLY D 11 -12.52 -17.61 -12.12
CA GLY D 11 -12.71 -18.82 -12.90
C GLY D 11 -13.04 -18.39 -14.31
N HIS D 12 -12.58 -19.15 -15.30
CA HIS D 12 -12.86 -18.83 -16.68
C HIS D 12 -13.17 -20.07 -17.50
N ARG D 13 -14.14 -19.93 -18.39
CA ARG D 13 -14.55 -21.03 -19.23
C ARG D 13 -14.23 -20.73 -20.66
N PRO D 14 -13.18 -21.38 -21.19
CA PRO D 14 -12.90 -21.15 -22.60
C PRO D 14 -14.34 -21.56 -23.14
#